data_7T3H
# 
_entry.id   7T3H 
# 
_audit_conform.dict_name       mmcif_pdbx.dic 
_audit_conform.dict_version    5.399 
_audit_conform.dict_location   http://mmcif.pdb.org/dictionaries/ascii/mmcif_pdbx.dic 
# 
loop_
_database_2.database_id 
_database_2.database_code 
_database_2.pdbx_database_accession 
_database_2.pdbx_DOI 
PDB   7T3H         pdb_00007t3h 10.2210/pdb7t3h/pdb 
WWPDB D_1000261546 ?            ?                   
# 
loop_
_pdbx_audit_revision_history.ordinal 
_pdbx_audit_revision_history.data_content_type 
_pdbx_audit_revision_history.major_revision 
_pdbx_audit_revision_history.minor_revision 
_pdbx_audit_revision_history.revision_date 
1 'Structure model' 1 0 2022-10-19 
2 'Structure model' 1 1 2024-11-20 
# 
_pdbx_audit_revision_details.ordinal             1 
_pdbx_audit_revision_details.revision_ordinal    1 
_pdbx_audit_revision_details.data_content_type   'Structure model' 
_pdbx_audit_revision_details.provider            repository 
_pdbx_audit_revision_details.type                'Initial release' 
_pdbx_audit_revision_details.description         ? 
_pdbx_audit_revision_details.details             ? 
# 
loop_
_pdbx_audit_revision_group.ordinal 
_pdbx_audit_revision_group.revision_ordinal 
_pdbx_audit_revision_group.data_content_type 
_pdbx_audit_revision_group.group 
1 2 'Structure model' 'Data collection'   
2 2 'Structure model' 'Structure summary' 
# 
loop_
_pdbx_audit_revision_category.ordinal 
_pdbx_audit_revision_category.revision_ordinal 
_pdbx_audit_revision_category.data_content_type 
_pdbx_audit_revision_category.category 
1 2 'Structure model' chem_comp_atom            
2 2 'Structure model' chem_comp_bond            
3 2 'Structure model' pdbx_entry_details        
4 2 'Structure model' pdbx_modification_feature 
# 
_pdbx_database_status.status_code                     REL 
_pdbx_database_status.status_code_sf                  REL 
_pdbx_database_status.status_code_mr                  ? 
_pdbx_database_status.entry_id                        7T3H 
_pdbx_database_status.recvd_initial_deposition_date   2021-12-07 
_pdbx_database_status.SG_entry                        N 
_pdbx_database_status.deposit_site                    RCSB 
_pdbx_database_status.process_site                    RCSB 
_pdbx_database_status.status_code_cs                  ? 
_pdbx_database_status.status_code_nmr_data            ? 
_pdbx_database_status.methods_development_category    ? 
_pdbx_database_status.pdb_format_compatible           Y 
# 
_pdbx_contact_author.id                 4 
_pdbx_contact_author.email              dcrees@caltech.edu 
_pdbx_contact_author.name_first         Douglas 
_pdbx_contact_author.name_last          Rees 
_pdbx_contact_author.name_mi            C 
_pdbx_contact_author.role               'principal investigator/group leader' 
_pdbx_contact_author.identifier_ORCID   0000-0003-4073-1185 
# 
loop_
_audit_author.name 
_audit_author.pdbx_ordinal 
_audit_author.identifier_ORCID 
'Yoo, B.-K.'   1 ? 
'Kaiser, J.T.' 2 ? 
'Rees, D.C.'   3 ? 
'Miller, R.D.' 4 ? 
'Iinishi, A.'  5 ? 
'Lewis, K.'    6 ? 
'Bowman, S.'   7 ? 
# 
_citation.abstract                  ? 
_citation.abstract_id_CAS           ? 
_citation.book_id_ISBN              ? 
_citation.book_publisher            ? 
_citation.book_publisher_city       ? 
_citation.book_title                ? 
_citation.coordinate_linkage        ? 
_citation.country                   UK 
_citation.database_id_Medline       ? 
_citation.details                   ? 
_citation.id                        primary 
_citation.journal_abbrev            'Nat Microbiol' 
_citation.journal_id_ASTM           ? 
_citation.journal_id_CSD            ? 
_citation.journal_id_ISSN           2058-5276 
_citation.journal_full              ? 
_citation.journal_issue             ? 
_citation.journal_volume            7 
_citation.language                  ? 
_citation.page_first                1661 
_citation.page_last                 1672 
_citation.title                     'Computational identification of a systemic antibiotic for gram-negative bacteria.' 
_citation.year                      2022 
_citation.database_id_CSD           ? 
_citation.pdbx_database_id_DOI      10.1038/s41564-022-01227-4 
_citation.pdbx_database_id_PubMed   36163500 
_citation.pdbx_database_id_patent   ? 
_citation.unpublished_flag          ? 
# 
loop_
_citation_author.citation_id 
_citation_author.name 
_citation_author.ordinal 
_citation_author.identifier_ORCID 
primary 'Miller, R.D.'    1  0000-0002-0723-8658 
primary 'Iinishi, A.'     2  ?                   
primary 'Modaresi, S.M.'  3  0000-0001-9747-9748 
primary 'Yoo, B.K.'       4  ?                   
primary 'Curtis, T.D.'    5  ?                   
primary 'Lariviere, P.J.' 6  0000-0002-8427-3879 
primary 'Liang, L.'       7  ?                   
primary 'Son, S.'         8  ?                   
primary 'Nicolau, S.'     9  ?                   
primary 'Bargabos, R.'    10 ?                   
primary 'Morrissette, M.' 11 ?                   
primary 'Gates, M.F.'     12 ?                   
primary 'Pitt, N.'        13 ?                   
primary 'Jakob, R.P.'     14 ?                   
primary 'Rath, P.'        15 ?                   
primary 'Maier, T.'       16 0000-0002-7459-1363 
primary 'Malyutin, A.G.'  17 ?                   
primary 'Kaiser, J.T.'    18 ?                   
primary 'Niles, S.'       19 ?                   
primary 'Karavas, B.'     20 0000-0002-6258-414X 
primary 'Ghiglieri, M.'   21 ?                   
primary 'Bowman, S.E.J.'  22 0000-0002-7426-7328 
primary 'Rees, D.C.'      23 ?                   
primary 'Hiller, S.'      24 0000-0002-6709-4684 
primary 'Lewis, K.'       25 0000-0002-1335-9982 
# 
loop_
_entity.id 
_entity.type 
_entity.src_method 
_entity.pdbx_description 
_entity.formula_weight 
_entity.pdbx_number_of_molecules 
_entity.pdbx_ec 
_entity.pdbx_mutation 
_entity.pdbx_fragment 
_entity.details 
1 polymer nat TRP-ASN-SER-ASN-VAL-HIS-SER-TYR-ARG-PHE 1311.405 1 ? ? ? ? 
2 water   nat water                                   18.015   8 ? ? ? ? 
# 
_entity_poly.entity_id                      1 
_entity_poly.type                           'polypeptide(L)' 
_entity_poly.nstd_linkage                   no 
_entity_poly.nstd_monomer                   no 
_entity_poly.pdbx_seq_one_letter_code       WNSNVHSYRF 
_entity_poly.pdbx_seq_one_letter_code_can   WNSNVHSYRF 
_entity_poly.pdbx_strand_id                 A 
_entity_poly.pdbx_target_identifier         ? 
# 
_pdbx_entity_nonpoly.entity_id   2 
_pdbx_entity_nonpoly.name        water 
_pdbx_entity_nonpoly.comp_id     HOH 
# 
loop_
_entity_poly_seq.entity_id 
_entity_poly_seq.num 
_entity_poly_seq.mon_id 
_entity_poly_seq.hetero 
1 1  TRP n 
1 2  ASN n 
1 3  SER n 
1 4  ASN n 
1 5  VAL n 
1 6  HIS n 
1 7  SER n 
1 8  TYR n 
1 9  ARG n 
1 10 PHE n 
# 
_entity_src_nat.entity_id                  1 
_entity_src_nat.pdbx_src_id                1 
_entity_src_nat.pdbx_alt_source_flag       sample 
_entity_src_nat.pdbx_beg_seq_num           1 
_entity_src_nat.pdbx_end_seq_num           10 
_entity_src_nat.common_name                ? 
_entity_src_nat.pdbx_organism_scientific   'Photorhabdus australis' 
_entity_src_nat.pdbx_ncbi_taxonomy_id      286156 
_entity_src_nat.genus                      ? 
_entity_src_nat.species                    ? 
_entity_src_nat.strain                     ? 
_entity_src_nat.tissue                     ? 
_entity_src_nat.tissue_fraction            ? 
_entity_src_nat.pdbx_secretion             ? 
_entity_src_nat.pdbx_fragment              ? 
_entity_src_nat.pdbx_variant               ? 
_entity_src_nat.pdbx_cell_line             ? 
_entity_src_nat.pdbx_atcc                  ? 
_entity_src_nat.pdbx_cellular_location     ? 
_entity_src_nat.pdbx_organ                 ? 
_entity_src_nat.pdbx_organelle             ? 
_entity_src_nat.pdbx_cell                  ? 
_entity_src_nat.pdbx_plasmid_name          ? 
_entity_src_nat.pdbx_plasmid_details       ? 
_entity_src_nat.details                    ? 
# 
loop_
_chem_comp.id 
_chem_comp.type 
_chem_comp.mon_nstd_flag 
_chem_comp.name 
_chem_comp.pdbx_synonyms 
_chem_comp.formula 
_chem_comp.formula_weight 
ARG 'L-peptide linking' y ARGININE      ? 'C6 H15 N4 O2 1' 175.209 
ASN 'L-peptide linking' y ASPARAGINE    ? 'C4 H8 N2 O3'    132.118 
HIS 'L-peptide linking' y HISTIDINE     ? 'C6 H10 N3 O2 1' 156.162 
HOH non-polymer         . WATER         ? 'H2 O'           18.015  
PHE 'L-peptide linking' y PHENYLALANINE ? 'C9 H11 N O2'    165.189 
SER 'L-peptide linking' y SERINE        ? 'C3 H7 N O3'     105.093 
TRP 'L-peptide linking' y TRYPTOPHAN    ? 'C11 H12 N2 O2'  204.225 
TYR 'L-peptide linking' y TYROSINE      ? 'C9 H11 N O3'    181.189 
VAL 'L-peptide linking' y VALINE        ? 'C5 H11 N O2'    117.146 
# 
loop_
_pdbx_poly_seq_scheme.asym_id 
_pdbx_poly_seq_scheme.entity_id 
_pdbx_poly_seq_scheme.seq_id 
_pdbx_poly_seq_scheme.mon_id 
_pdbx_poly_seq_scheme.ndb_seq_num 
_pdbx_poly_seq_scheme.pdb_seq_num 
_pdbx_poly_seq_scheme.auth_seq_num 
_pdbx_poly_seq_scheme.pdb_mon_id 
_pdbx_poly_seq_scheme.auth_mon_id 
_pdbx_poly_seq_scheme.pdb_strand_id 
_pdbx_poly_seq_scheme.pdb_ins_code 
_pdbx_poly_seq_scheme.hetero 
A 1 1  TRP 1  1  1  TRP TRP A . n 
A 1 2  ASN 2  2  2  ASN ASN A . n 
A 1 3  SER 3  3  3  SER SER A . n 
A 1 4  ASN 4  4  4  ASN ASN A . n 
A 1 5  VAL 5  5  5  VAL VAL A . n 
A 1 6  HIS 6  6  6  HIS HIS A . n 
A 1 7  SER 7  7  7  SER SER A . n 
A 1 8  TYR 8  8  8  TYR TYR A . n 
A 1 9  ARG 9  9  9  ARG ARG A . n 
A 1 10 PHE 10 10 10 PHE PHE A . n 
# 
loop_
_pdbx_nonpoly_scheme.asym_id 
_pdbx_nonpoly_scheme.entity_id 
_pdbx_nonpoly_scheme.mon_id 
_pdbx_nonpoly_scheme.ndb_seq_num 
_pdbx_nonpoly_scheme.pdb_seq_num 
_pdbx_nonpoly_scheme.auth_seq_num 
_pdbx_nonpoly_scheme.pdb_mon_id 
_pdbx_nonpoly_scheme.auth_mon_id 
_pdbx_nonpoly_scheme.pdb_strand_id 
_pdbx_nonpoly_scheme.pdb_ins_code 
B 2 HOH 1 101 103 HOH HOH A . 
B 2 HOH 2 102 106 HOH HOH A . 
B 2 HOH 3 103 108 HOH HOH A . 
B 2 HOH 4 104 105 HOH HOH A . 
B 2 HOH 5 105 104 HOH HOH A . 
B 2 HOH 6 106 101 HOH HOH A . 
B 2 HOH 7 107 107 HOH HOH A . 
B 2 HOH 8 108 102 HOH HOH A . 
# 
loop_
_software.citation_id 
_software.classification 
_software.compiler_name 
_software.compiler_version 
_software.contact_author 
_software.contact_author_email 
_software.date 
_software.description 
_software.dependencies 
_software.hardware 
_software.language 
_software.location 
_software.mods 
_software.name 
_software.os 
_software.os_version 
_software.type 
_software.version 
_software.pdbx_ordinal 
? 'data reduction'  ? ? 'Wolfgang Kabsch'     Wolfgang.Kabsch@mpimf-heidelberg.mpg.de ?               ? ? ? ?          
http://www.mpimf-heidelberg.mpg.de/~kabsch/xds/                             ? XDS         ? ? package .    1 
? 'data scaling'    ? ? 'Wolfgang Kabsch'     ?                                       ?               ? ? ? ?          
http://www.mpimf-heidelberg.mpg.de/~kabsch/xds/html_doc/xscale_program.html ? XSCALE      ? ? package .    2 
? refinement        ? ? 'George M. Sheldrick' gsheldr@shelx.uni-ac.gwdg.de            ?               ? ? ? Fortran_77 
http://shelx.uni-ac.gwdg.de/SHELX/                                          ? SHELX       ? ? package .    3 
? 'data extraction' ? ? PDB                   deposit@deposit.rcsb.org                'Oct. 31, 2020' ? ? ? C++        
http://sw-tools.pdb.org/apps/PDB_EXTRACT/                                   ? PDB_EXTRACT ? ? package 3.27 4 
# 
_cell.angle_alpha                  90.000 
_cell.angle_alpha_esd              0.000 
_cell.angle_beta                   112.000 
_cell.angle_beta_esd               0.030 
_cell.angle_gamma                  90.000 
_cell.angle_gamma_esd              0.000 
_cell.entry_id                     7T3H 
_cell.details                      ? 
_cell.formula_units_Z              ? 
_cell.length_a                     42.230 
_cell.length_a_esd                 0.008 
_cell.length_b                     9.730 
_cell.length_b_esd                 0.002 
_cell.length_c                     19.070 
_cell.length_c_esd                 0.004 
_cell.volume                       ? 
_cell.volume_esd                   ? 
_cell.Z_PDB                        4 
_cell.reciprocal_angle_alpha       ? 
_cell.reciprocal_angle_beta        ? 
_cell.reciprocal_angle_gamma       ? 
_cell.reciprocal_angle_alpha_esd   ? 
_cell.reciprocal_angle_beta_esd    ? 
_cell.reciprocal_angle_gamma_esd   ? 
_cell.reciprocal_length_a          ? 
_cell.reciprocal_length_b          ? 
_cell.reciprocal_length_c          ? 
_cell.reciprocal_length_a_esd      ? 
_cell.reciprocal_length_b_esd      ? 
_cell.reciprocal_length_c_esd      ? 
_cell.pdbx_unique_axis             ? 
# 
_symmetry.entry_id                         7T3H 
_symmetry.cell_setting                     ? 
_symmetry.Int_Tables_number                5 
_symmetry.space_group_name_Hall            ? 
_symmetry.space_group_name_H-M             'C 1 2 1' 
_symmetry.pdbx_full_space_group_name_H-M   ? 
# 
_exptl.absorpt_coefficient_mu     ? 
_exptl.absorpt_correction_T_max   ? 
_exptl.absorpt_correction_T_min   ? 
_exptl.absorpt_correction_type    ? 
_exptl.absorpt_process_details    ? 
_exptl.entry_id                   7T3H 
_exptl.crystals_number            ? 
_exptl.details                    ? 
_exptl.method                     'ELECTRON CRYSTALLOGRAPHY' 
_exptl.method_details             ? 
# 
_reflns.B_iso_Wilson_estimate                          11.208 
_reflns.entry_id                                       7T3H 
_reflns.data_reduction_details                         ? 
_reflns.data_reduction_method                          ? 
_reflns.d_resolution_high                              0.9 
_reflns.d_resolution_low                               ? 
_reflns.details                                        ? 
_reflns.limit_h_max                                    ? 
_reflns.limit_h_min                                    ? 
_reflns.limit_k_max                                    ? 
_reflns.limit_k_min                                    ? 
_reflns.limit_l_max                                    ? 
_reflns.limit_l_min                                    ? 
_reflns.number_all                                     ? 
_reflns.number_obs                                     3490 
_reflns.observed_criterion                             ? 
_reflns.observed_criterion_F_max                       ? 
_reflns.observed_criterion_F_min                       ? 
_reflns.observed_criterion_I_max                       ? 
_reflns.observed_criterion_I_min                       ? 
_reflns.observed_criterion_sigma_F                     ? 
_reflns.observed_criterion_sigma_I                     ? 
_reflns.percent_possible_obs                           97.800 
_reflns.R_free_details                                 ? 
_reflns.Rmerge_F_all                                   ? 
_reflns.Rmerge_F_obs                                   ? 
_reflns.Friedel_coverage                               ? 
_reflns.number_gt                                      ? 
_reflns.threshold_expression                           ? 
_reflns.pdbx_redundancy                                17.162 
_reflns.pdbx_Rmerge_I_obs                              0.205 
_reflns.pdbx_Rmerge_I_all                              ? 
_reflns.pdbx_Rsym_value                                ? 
_reflns.pdbx_netI_over_av_sigmaI                       ? 
_reflns.pdbx_netI_over_sigmaI                          8.200 
_reflns.pdbx_res_netI_over_av_sigmaI_2                 ? 
_reflns.pdbx_res_netI_over_sigmaI_2                    ? 
_reflns.pdbx_chi_squared                               0.849 
_reflns.pdbx_scaling_rejects                           65 
_reflns.pdbx_d_res_high_opt                            ? 
_reflns.pdbx_d_res_low_opt                             ? 
_reflns.pdbx_d_res_opt_method                          ? 
_reflns.phase_calculation_details                      ? 
_reflns.pdbx_Rrim_I_all                                0.211 
_reflns.pdbx_Rpim_I_all                                ? 
_reflns.pdbx_d_opt                                     ? 
_reflns.pdbx_number_measured_all                       59896 
_reflns.pdbx_diffrn_id                                 1 
_reflns.pdbx_ordinal                                   1 
_reflns.pdbx_CC_half                                   0.990 
_reflns.pdbx_CC_star                                   ? 
_reflns.pdbx_R_split                                   ? 
_reflns.pdbx_aniso_diffraction_limit_axis_1_ortho[1]   ? 
_reflns.pdbx_aniso_diffraction_limit_axis_1_ortho[2]   ? 
_reflns.pdbx_aniso_diffraction_limit_axis_1_ortho[3]   ? 
_reflns.pdbx_aniso_diffraction_limit_axis_2_ortho[1]   ? 
_reflns.pdbx_aniso_diffraction_limit_axis_2_ortho[2]   ? 
_reflns.pdbx_aniso_diffraction_limit_axis_2_ortho[3]   ? 
_reflns.pdbx_aniso_diffraction_limit_axis_3_ortho[1]   ? 
_reflns.pdbx_aniso_diffraction_limit_axis_3_ortho[2]   ? 
_reflns.pdbx_aniso_diffraction_limit_axis_3_ortho[3]   ? 
_reflns.pdbx_aniso_diffraction_limit_1                 ? 
_reflns.pdbx_aniso_diffraction_limit_2                 ? 
_reflns.pdbx_aniso_diffraction_limit_3                 ? 
_reflns.pdbx_aniso_B_tensor_eigenvector_1_ortho[1]     ? 
_reflns.pdbx_aniso_B_tensor_eigenvector_1_ortho[2]     ? 
_reflns.pdbx_aniso_B_tensor_eigenvector_1_ortho[3]     ? 
_reflns.pdbx_aniso_B_tensor_eigenvector_2_ortho[1]     ? 
_reflns.pdbx_aniso_B_tensor_eigenvector_2_ortho[2]     ? 
_reflns.pdbx_aniso_B_tensor_eigenvector_2_ortho[3]     ? 
_reflns.pdbx_aniso_B_tensor_eigenvector_3_ortho[1]     ? 
_reflns.pdbx_aniso_B_tensor_eigenvector_3_ortho[2]     ? 
_reflns.pdbx_aniso_B_tensor_eigenvector_3_ortho[3]     ? 
_reflns.pdbx_aniso_B_tensor_eigenvalue_1               ? 
_reflns.pdbx_aniso_B_tensor_eigenvalue_2               ? 
_reflns.pdbx_aniso_B_tensor_eigenvalue_3               ? 
_reflns.pdbx_orthogonalization_convention              ? 
_reflns.pdbx_percent_possible_ellipsoidal              ? 
_reflns.pdbx_percent_possible_spherical                ? 
_reflns.pdbx_percent_possible_ellipsoidal_anomalous    ? 
_reflns.pdbx_percent_possible_spherical_anomalous      ? 
_reflns.pdbx_redundancy_anomalous                      ? 
_reflns.pdbx_CC_half_anomalous                         ? 
_reflns.pdbx_absDiff_over_sigma_anomalous              ? 
_reflns.pdbx_percent_possible_anomalous                ? 
_reflns.pdbx_observed_signal_threshold                 ? 
_reflns.pdbx_signal_type                               ? 
_reflns.pdbx_signal_details                            ? 
_reflns.pdbx_signal_software_id                        ? 
# 
loop_
_reflns_shell.d_res_high 
_reflns_shell.d_res_low 
_reflns_shell.meanI_over_sigI_all 
_reflns_shell.meanI_over_sigI_obs 
_reflns_shell.number_measured_all 
_reflns_shell.number_measured_obs 
_reflns_shell.number_possible 
_reflns_shell.number_unique_all 
_reflns_shell.number_unique_obs 
_reflns_shell.percent_possible_all 
_reflns_shell.percent_possible_obs 
_reflns_shell.Rmerge_F_all 
_reflns_shell.Rmerge_F_obs 
_reflns_shell.Rmerge_I_all 
_reflns_shell.Rmerge_I_obs 
_reflns_shell.meanI_over_sigI_gt 
_reflns_shell.meanI_over_uI_all 
_reflns_shell.meanI_over_uI_gt 
_reflns_shell.number_measured_gt 
_reflns_shell.number_unique_gt 
_reflns_shell.percent_possible_gt 
_reflns_shell.Rmerge_F_gt 
_reflns_shell.Rmerge_I_gt 
_reflns_shell.pdbx_redundancy 
_reflns_shell.pdbx_Rsym_value 
_reflns_shell.pdbx_chi_squared 
_reflns_shell.pdbx_netI_over_sigmaI_all 
_reflns_shell.pdbx_netI_over_sigmaI_obs 
_reflns_shell.pdbx_Rrim_I_all 
_reflns_shell.pdbx_Rpim_I_all 
_reflns_shell.pdbx_rejects 
_reflns_shell.pdbx_ordinal 
_reflns_shell.pdbx_diffrn_id 
_reflns_shell.pdbx_CC_half 
_reflns_shell.pdbx_CC_star 
_reflns_shell.pdbx_R_split 
_reflns_shell.pdbx_percent_possible_ellipsoidal 
_reflns_shell.pdbx_percent_possible_spherical 
_reflns_shell.pdbx_percent_possible_ellipsoidal_anomalous 
_reflns_shell.pdbx_percent_possible_spherical_anomalous 
_reflns_shell.pdbx_redundancy_anomalous 
_reflns_shell.pdbx_CC_half_anomalous 
_reflns_shell.pdbx_absDiff_over_sigma_anomalous 
_reflns_shell.pdbx_percent_possible_anomalous 
1.050 1.080 ? 3.160  ? 4867 265 ? 260 98.100  ? ? ? ? 0.672 ? ? ? ? ? ? ? ? 18.719 ? ? ? ? 0.689 ? ? 1  1 0.920 ? ? ? ? ? ? ? ? ? 
? 
1.080 1.110 ? 4.040  ? 4561 246 ? 244 99.200  ? ? ? ? 0.478 ? ? ? ? ? ? ? ? 18.693 ? ? ? ? 0.491 ? ? 2  1 0.970 ? ? ? ? ? ? ? ? ? 
? 
1.110 1.140 ? 4.720  ? 4303 246 ? 243 98.800  ? ? ? ? 0.439 ? ? ? ? ? ? ? ? 17.708 ? ? ? ? 0.451 ? ? 3  1 0.976 ? ? ? ? ? ? ? ? ? 
? 
1.140 1.170 ? 5.210  ? 4308 232 ? 229 98.700  ? ? ? ? 0.414 ? ? ? ? ? ? ? ? 18.812 ? ? ? ? 0.424 ? ? 4  1 0.982 ? ? ? ? ? ? ? ? ? 
? 
1.170 1.210 ? 5.530  ? 4494 248 ? 248 100.000 ? ? ? ? 0.410 ? ? ? ? ? ? ? ? 18.121 ? ? ? ? 0.421 ? ? 5  1 0.974 ? ? ? ? ? ? ? ? ? 
? 
1.210 1.260 ? 6.170  ? 3826 213 ? 210 98.600  ? ? ? ? 0.398 ? ? ? ? ? ? ? ? 18.219 ? ? ? ? 0.408 ? ? 6  1 0.977 ? ? ? ? ? ? ? ? ? 
? 
1.260 1.300 ? 6.130  ? 3514 204 ? 201 98.500  ? ? ? ? 0.359 ? ? ? ? ? ? ? ? 17.483 ? ? ? ? 0.369 ? ? 7  1 0.984 ? ? ? ? ? ? ? ? ? 
? 
1.300 1.360 ? 6.620  ? 4026 229 ? 222 96.900  ? ? ? ? 0.376 ? ? ? ? ? ? ? ? 18.135 ? ? ? ? 0.386 ? ? 8  1 0.983 ? ? ? ? ? ? ? ? ? 
? 
1.360 1.420 ? 7.870  ? 3469 194 ? 191 98.500  ? ? ? ? 0.355 ? ? ? ? ? ? ? ? 18.162 ? ? ? ? 0.365 ? ? 9  1 0.970 ? ? ? ? ? ? ? ? ? 
? 
1.420 1.490 ? 8.190  ? 3015 182 ? 178 97.800  ? ? ? ? 0.306 ? ? ? ? ? ? ? ? 16.938 ? ? ? ? 0.315 ? ? 10 1 0.981 ? ? ? ? ? ? ? ? ? 
? 
1.490 1.570 ? 9.060  ? 3112 186 ? 186 100.000 ? ? ? ? 0.285 ? ? ? ? ? ? ? ? 16.731 ? ? ? ? 0.294 ? ? 11 1 0.985 ? ? ? ? ? ? ? ? ? 
? 
1.570 1.660 ? 10.630 ? 3142 188 ? 185 98.400  ? ? ? ? 0.268 ? ? ? ? ? ? ? ? 16.984 ? ? ? ? 0.276 ? ? 12 1 0.976 ? ? ? ? ? ? ? ? ? 
? 
1.660 1.770 ? 11.280 ? 2442 158 ? 155 98.100  ? ? ? ? 0.228 ? ? ? ? ? ? ? ? 15.755 ? ? ? ? 0.235 ? ? 13 1 0.994 ? ? ? ? ? ? ? ? ? 
? 
1.770 1.920 ? 13.370 ? 2561 161 ? 157 97.500  ? ? ? ? 0.199 ? ? ? ? ? ? ? ? 16.312 ? ? ? ? 0.205 ? ? 14 1 0.987 ? ? ? ? ? ? ? ? ? 
? 
1.920 2.100 ? 13.990 ? 2042 135 ? 134 99.300  ? ? ? ? 0.177 ? ? ? ? ? ? ? ? 15.239 ? ? ? ? 0.183 ? ? 15 1 0.979 ? ? ? ? ? ? ? ? ? 
? 
2.100 2.350 ? 14.220 ? 1877 132 ? 125 94.700  ? ? ? ? 0.181 ? ? ? ? ? ? ? ? 15.016 ? ? ? ? 0.187 ? ? 16 1 0.976 ? ? ? ? ? ? ? ? ? 
? 
2.350 2.710 ? 15.190 ? 1639 118 ? 115 97.500  ? ? ? ? 0.158 ? ? ? ? ? ? ? ? 14.252 ? ? ? ? 0.164 ? ? 17 1 0.991 ? ? ? ? ? ? ? ? ? 
? 
2.710 3.320 ? 16.280 ? 1467 105 ? 100 95.200  ? ? ? ? 0.142 ? ? ? ? ? ? ? ? 14.670 ? ? ? ? 0.146 ? ? 18 1 0.993 ? ? ? ? ? ? ? ? ? 
? 
3.320 4.700 ? 16.410 ? 945  77  ? 72  93.500  ? ? ? ? 0.138 ? ? ? ? ? ? ? ? 13.125 ? ? ? ? 0.143 ? ? 19 1 0.986 ? ? ? ? ? ? ? ? ? 
? 
4.700 ?     ? 12.740 ? 286  50  ? 35  70.000  ? ? ? ? 0.161 ? ? ? ? ? ? ? ? 8.171  ? ? ? ? 0.170 ? ? 20 1 0.977 ? ? ? ? ? ? ? ? ? 
? 
# 
_refine.aniso_B[1][1]                            ? 
_refine.aniso_B[1][2]                            ? 
_refine.aniso_B[1][3]                            ? 
_refine.aniso_B[2][2]                            ? 
_refine.aniso_B[2][3]                            ? 
_refine.aniso_B[3][3]                            ? 
_refine.B_iso_max                                64.250 
_refine.B_iso_mean                               13.9631 
_refine.B_iso_min                                5.550 
_refine.correlation_coeff_Fo_to_Fc               ? 
_refine.correlation_coeff_Fo_to_Fc_free          ? 
_refine.details                                  
;Data was merged from 19 crystals of varying resolution limits up to 0.9A. Overall resolution limit was determined to be 1.05A and applied in the refinement program.
;
_refine.diff_density_max                         ? 
_refine.diff_density_max_esd                     ? 
_refine.diff_density_min                         ? 
_refine.diff_density_min_esd                     ? 
_refine.diff_density_rms                         ? 
_refine.diff_density_rms_esd                     ? 
_refine.entry_id                                 7T3H 
_refine.pdbx_refine_id                           'ELECTRON CRYSTALLOGRAPHY' 
_refine.ls_abs_structure_details                 ? 
_refine.ls_abs_structure_Flack                   ? 
_refine.ls_abs_structure_Flack_esd               ? 
_refine.ls_abs_structure_Rogers                  ? 
_refine.ls_abs_structure_Rogers_esd              ? 
_refine.ls_d_res_high                            1.05 
_refine.ls_d_res_low                             9.5 
_refine.ls_extinction_coef                       ? 
_refine.ls_extinction_coef_esd                   ? 
_refine.ls_extinction_expression                 ? 
_refine.ls_extinction_method                     ? 
_refine.ls_goodness_of_fit_all                   ? 
_refine.ls_goodness_of_fit_all_esd               ? 
_refine.ls_goodness_of_fit_obs                   ? 
_refine.ls_goodness_of_fit_obs_esd               ? 
_refine.ls_hydrogen_treatment                    ? 
_refine.ls_matrix_type                           ? 
_refine.ls_number_constraints                    ? 
_refine.ls_number_parameters                     ? 
_refine.ls_number_reflns_all                     72645 
_refine.ls_number_reflns_obs                     4731 
_refine.ls_number_reflns_R_free                  ? 
_refine.ls_number_reflns_R_work                  ? 
_refine.ls_number_restraints                     ? 
_refine.ls_percent_reflns_obs                    89.6 
_refine.ls_percent_reflns_R_free                 ? 
_refine.ls_R_factor_all                          0.1545 
_refine.ls_R_factor_obs                          0.1294 
_refine.ls_R_factor_R_free                       ? 
_refine.ls_R_factor_R_free_error                 ? 
_refine.ls_R_factor_R_free_error_details         ? 
_refine.ls_R_factor_R_work                       ? 
_refine.ls_R_Fsqd_factor_obs                     ? 
_refine.ls_R_I_factor_obs                        ? 
_refine.ls_redundancy_reflns_all                 ? 
_refine.ls_redundancy_reflns_obs                 ? 
_refine.ls_restrained_S_all                      ? 
_refine.ls_restrained_S_obs                      ? 
_refine.ls_shift_over_esd_max                    ? 
_refine.ls_shift_over_esd_mean                   ? 
_refine.ls_structure_factor_coef                 ? 
_refine.ls_weighting_details                     ? 
_refine.ls_weighting_scheme                      ? 
_refine.ls_wR_factor_all                         ? 
_refine.ls_wR_factor_obs                         ? 
_refine.ls_wR_factor_R_free                      ? 
_refine.ls_wR_factor_R_work                      ? 
_refine.occupancy_max                            ? 
_refine.occupancy_min                            ? 
_refine.solvent_model_details                    ? 
_refine.solvent_model_param_bsol                 ? 
_refine.solvent_model_param_ksol                 ? 
_refine.pdbx_R_complete                          ? 
_refine.ls_R_factor_gt                           ? 
_refine.ls_goodness_of_fit_gt                    ? 
_refine.ls_goodness_of_fit_ref                   ? 
_refine.ls_shift_over_su_max                     ? 
_refine.ls_shift_over_su_max_lt                  ? 
_refine.ls_shift_over_su_mean                    ? 
_refine.ls_shift_over_su_mean_lt                 ? 
_refine.pdbx_ls_sigma_I                          ? 
_refine.pdbx_ls_sigma_F                          ? 
_refine.pdbx_ls_sigma_Fsqd                       ? 
_refine.pdbx_data_cutoff_high_absF               ? 
_refine.pdbx_data_cutoff_high_rms_absF           ? 
_refine.pdbx_data_cutoff_low_absF                ? 
_refine.pdbx_isotropic_thermal_model             ? 
_refine.pdbx_ls_cross_valid_method               NONE 
_refine.pdbx_method_to_determine_struct          ? 
_refine.pdbx_starting_model                      ? 
_refine.pdbx_stereochemistry_target_values       ? 
_refine.pdbx_R_Free_selection_details            ? 
_refine.pdbx_stereochem_target_val_spec_case     ? 
_refine.pdbx_overall_ESU_R                       ? 
_refine.pdbx_overall_ESU_R_Free                  ? 
_refine.pdbx_solvent_vdw_probe_radii             ? 
_refine.pdbx_solvent_ion_probe_radii             ? 
_refine.pdbx_solvent_shrinkage_radii             ? 
_refine.pdbx_real_space_R                        ? 
_refine.pdbx_density_correlation                 ? 
_refine.pdbx_pd_number_of_powder_patterns        ? 
_refine.pdbx_pd_number_of_points                 ? 
_refine.pdbx_pd_meas_number_of_points            ? 
_refine.pdbx_pd_proc_ls_prof_R_factor            ? 
_refine.pdbx_pd_proc_ls_prof_wR_factor           ? 
_refine.pdbx_pd_Marquardt_correlation_coeff      ? 
_refine.pdbx_pd_Fsqrd_R_factor                   ? 
_refine.pdbx_pd_ls_matrix_band_width             ? 
_refine.pdbx_overall_phase_error                 ? 
_refine.pdbx_overall_SU_R_free_Cruickshank_DPI   ? 
_refine.pdbx_overall_SU_R_free_Blow_DPI          ? 
_refine.pdbx_overall_SU_R_Blow_DPI               ? 
_refine.pdbx_TLS_residual_ADP_flag               ? 
_refine.pdbx_diffrn_id                           1 
_refine.overall_SU_B                             ? 
_refine.overall_SU_ML                            ? 
_refine.overall_SU_R_Cruickshank_DPI             ? 
_refine.overall_SU_R_free                        ? 
_refine.overall_FOM_free_R_set                   ? 
_refine.overall_FOM_work_R_set                   ? 
_refine.pdbx_average_fsc_overall                 ? 
_refine.pdbx_average_fsc_work                    ? 
_refine.pdbx_average_fsc_free                    ? 
# 
_struct.entry_id                     7T3H 
_struct.title                        'MicroED structure of Dynobactin' 
_struct.pdbx_model_details           ? 
_struct.pdbx_formula_weight          ? 
_struct.pdbx_formula_weight_method   ? 
_struct.pdbx_model_type_details      ? 
_struct.pdbx_CASP_flag               N 
# 
_struct_keywords.entry_id        7T3H 
_struct_keywords.text            'antibiotics, drug development, natural product, Bam A, MicroED, ANTIBIOTIC' 
_struct_keywords.pdbx_keywords   ANTIBIOTIC 
# 
loop_
_struct_asym.id 
_struct_asym.pdbx_blank_PDB_chainid_flag 
_struct_asym.pdbx_modified 
_struct_asym.entity_id 
_struct_asym.details 
A N N 1 ? 
B N N 2 ? 
# 
_struct_ref.id                         1 
_struct_ref.db_name                    PDB 
_struct_ref.db_code                    7T3H 
_struct_ref.pdbx_db_accession          7T3H 
_struct_ref.pdbx_db_isoform            ? 
_struct_ref.entity_id                  1 
_struct_ref.pdbx_seq_one_letter_code   ? 
_struct_ref.pdbx_align_begin           1 
# 
_struct_ref_seq.align_id                      1 
_struct_ref_seq.ref_id                        1 
_struct_ref_seq.pdbx_PDB_id_code              7T3H 
_struct_ref_seq.pdbx_strand_id                A 
_struct_ref_seq.seq_align_beg                 1 
_struct_ref_seq.pdbx_seq_align_beg_ins_code   ? 
_struct_ref_seq.seq_align_end                 10 
_struct_ref_seq.pdbx_seq_align_end_ins_code   ? 
_struct_ref_seq.pdbx_db_accession             7T3H 
_struct_ref_seq.db_align_beg                  1 
_struct_ref_seq.pdbx_db_align_beg_ins_code    ? 
_struct_ref_seq.db_align_end                  10 
_struct_ref_seq.pdbx_db_align_end_ins_code    ? 
_struct_ref_seq.pdbx_auth_seq_align_beg       1 
_struct_ref_seq.pdbx_auth_seq_align_end       10 
# 
_pdbx_struct_assembly.id                   1 
_pdbx_struct_assembly.details              author_and_software_defined_assembly 
_pdbx_struct_assembly.method_details       PISA 
_pdbx_struct_assembly.oligomeric_details   monomeric 
_pdbx_struct_assembly.oligomeric_count     1 
# 
_pdbx_struct_assembly_gen.assembly_id       1 
_pdbx_struct_assembly_gen.oper_expression   1 
_pdbx_struct_assembly_gen.asym_id_list      A,B 
# 
_pdbx_struct_assembly_auth_evidence.id                     1 
_pdbx_struct_assembly_auth_evidence.assembly_id            1 
_pdbx_struct_assembly_auth_evidence.experimental_support   'mass spectrometry' 
_pdbx_struct_assembly_auth_evidence.details                ? 
# 
_pdbx_struct_oper_list.id                   1 
_pdbx_struct_oper_list.type                 'identity operation' 
_pdbx_struct_oper_list.name                 1_555 
_pdbx_struct_oper_list.symmetry_operation   x,y,z 
_pdbx_struct_oper_list.matrix[1][1]         1.0000000000 
_pdbx_struct_oper_list.matrix[1][2]         0.0000000000 
_pdbx_struct_oper_list.matrix[1][3]         0.0000000000 
_pdbx_struct_oper_list.vector[1]            0.0000000000 
_pdbx_struct_oper_list.matrix[2][1]         0.0000000000 
_pdbx_struct_oper_list.matrix[2][2]         1.0000000000 
_pdbx_struct_oper_list.matrix[2][3]         0.0000000000 
_pdbx_struct_oper_list.vector[2]            0.0000000000 
_pdbx_struct_oper_list.matrix[3][1]         0.0000000000 
_pdbx_struct_oper_list.matrix[3][2]         0.0000000000 
_pdbx_struct_oper_list.matrix[3][3]         1.0000000000 
_pdbx_struct_oper_list.vector[3]            0.0000000000 
# 
loop_
_struct_conn.id 
_struct_conn.conn_type_id 
_struct_conn.pdbx_leaving_atom_flag 
_struct_conn.pdbx_PDB_id 
_struct_conn.ptnr1_label_asym_id 
_struct_conn.ptnr1_label_comp_id 
_struct_conn.ptnr1_label_seq_id 
_struct_conn.ptnr1_label_atom_id 
_struct_conn.pdbx_ptnr1_label_alt_id 
_struct_conn.pdbx_ptnr1_PDB_ins_code 
_struct_conn.pdbx_ptnr1_standard_comp_id 
_struct_conn.ptnr1_symmetry 
_struct_conn.ptnr2_label_asym_id 
_struct_conn.ptnr2_label_comp_id 
_struct_conn.ptnr2_label_seq_id 
_struct_conn.ptnr2_label_atom_id 
_struct_conn.pdbx_ptnr2_label_alt_id 
_struct_conn.pdbx_ptnr2_PDB_ins_code 
_struct_conn.ptnr1_auth_asym_id 
_struct_conn.ptnr1_auth_comp_id 
_struct_conn.ptnr1_auth_seq_id 
_struct_conn.ptnr2_auth_asym_id 
_struct_conn.ptnr2_auth_comp_id 
_struct_conn.ptnr2_auth_seq_id 
_struct_conn.ptnr2_symmetry 
_struct_conn.pdbx_ptnr3_label_atom_id 
_struct_conn.pdbx_ptnr3_label_seq_id 
_struct_conn.pdbx_ptnr3_label_comp_id 
_struct_conn.pdbx_ptnr3_label_asym_id 
_struct_conn.pdbx_ptnr3_label_alt_id 
_struct_conn.pdbx_ptnr3_PDB_ins_code 
_struct_conn.details 
_struct_conn.pdbx_dist_value 
_struct_conn.pdbx_value_order 
_struct_conn.pdbx_role 
covale1 covale none ? A TRP 1 CH2 ? ? ? 1_555 A ASN 4 CB ? ? A TRP 1 A ASN 4 1_555 ? ? ? ? ? ? ? 1.517 ? ? 
covale2 covale none ? A HIS 6 NE2 ? ? ? 1_555 A TYR 8 CB ? ? A HIS 6 A TYR 8 1_555 ? ? ? ? ? ? ? 1.484 ? ? 
# 
_struct_conn_type.id          covale 
_struct_conn_type.criteria    ? 
_struct_conn_type.reference   ? 
# 
loop_
_pdbx_modification_feature.ordinal 
_pdbx_modification_feature.label_comp_id 
_pdbx_modification_feature.label_asym_id 
_pdbx_modification_feature.label_seq_id 
_pdbx_modification_feature.label_alt_id 
_pdbx_modification_feature.modified_residue_label_comp_id 
_pdbx_modification_feature.modified_residue_label_asym_id 
_pdbx_modification_feature.modified_residue_label_seq_id 
_pdbx_modification_feature.modified_residue_label_alt_id 
_pdbx_modification_feature.auth_comp_id 
_pdbx_modification_feature.auth_asym_id 
_pdbx_modification_feature.auth_seq_id 
_pdbx_modification_feature.PDB_ins_code 
_pdbx_modification_feature.symmetry 
_pdbx_modification_feature.modified_residue_auth_comp_id 
_pdbx_modification_feature.modified_residue_auth_asym_id 
_pdbx_modification_feature.modified_residue_auth_seq_id 
_pdbx_modification_feature.modified_residue_PDB_ins_code 
_pdbx_modification_feature.modified_residue_symmetry 
_pdbx_modification_feature.comp_id_linking_atom 
_pdbx_modification_feature.modified_residue_id_linking_atom 
_pdbx_modification_feature.modified_residue_id 
_pdbx_modification_feature.ref_pcm_id 
_pdbx_modification_feature.ref_comp_id 
_pdbx_modification_feature.type 
_pdbx_modification_feature.category 
1 TRP A 1 ? ASN A 4 ? TRP A 1 ? 1_555 ASN A 4 ? 1_555 CH2 CB . . . None 'Non-standard linkage' 
2 HIS A 6 ? TYR A 8 ? HIS A 6 ? 1_555 TYR A 8 ? 1_555 NE2 CB . . . None 'Non-standard linkage' 
# 
_pdbx_entry_details.entry_id                   7T3H 
_pdbx_entry_details.compound_details           ? 
_pdbx_entry_details.source_details             ? 
_pdbx_entry_details.nonpolymer_details         ? 
_pdbx_entry_details.sequence_details           ? 
_pdbx_entry_details.has_ligand_of_interest     ? 
_pdbx_entry_details.has_protein_modification   Y 
# 
loop_
_pdbx_validate_symm_contact.id 
_pdbx_validate_symm_contact.PDB_model_num 
_pdbx_validate_symm_contact.auth_atom_id_1 
_pdbx_validate_symm_contact.auth_asym_id_1 
_pdbx_validate_symm_contact.auth_comp_id_1 
_pdbx_validate_symm_contact.auth_seq_id_1 
_pdbx_validate_symm_contact.PDB_ins_code_1 
_pdbx_validate_symm_contact.label_alt_id_1 
_pdbx_validate_symm_contact.site_symmetry_1 
_pdbx_validate_symm_contact.auth_atom_id_2 
_pdbx_validate_symm_contact.auth_asym_id_2 
_pdbx_validate_symm_contact.auth_comp_id_2 
_pdbx_validate_symm_contact.auth_seq_id_2 
_pdbx_validate_symm_contact.PDB_ins_code_2 
_pdbx_validate_symm_contact.label_alt_id_2 
_pdbx_validate_symm_contact.site_symmetry_2 
_pdbx_validate_symm_contact.dist 
1 1 HD22 A ASN 2 ? ? 1_555 HD22 A ASN 2   ? ? 2_655 1.25 
2 1 H2   A TRP 1 ? ? 1_555 O    A HOH 104 ? ? 3_545 1.52 
# 
loop_
_pdbx_validate_rmsd_bond.id 
_pdbx_validate_rmsd_bond.PDB_model_num 
_pdbx_validate_rmsd_bond.auth_atom_id_1 
_pdbx_validate_rmsd_bond.auth_asym_id_1 
_pdbx_validate_rmsd_bond.auth_comp_id_1 
_pdbx_validate_rmsd_bond.auth_seq_id_1 
_pdbx_validate_rmsd_bond.PDB_ins_code_1 
_pdbx_validate_rmsd_bond.label_alt_id_1 
_pdbx_validate_rmsd_bond.auth_atom_id_2 
_pdbx_validate_rmsd_bond.auth_asym_id_2 
_pdbx_validate_rmsd_bond.auth_comp_id_2 
_pdbx_validate_rmsd_bond.auth_seq_id_2 
_pdbx_validate_rmsd_bond.PDB_ins_code_2 
_pdbx_validate_rmsd_bond.label_alt_id_2 
_pdbx_validate_rmsd_bond.bond_value 
_pdbx_validate_rmsd_bond.bond_target_value 
_pdbx_validate_rmsd_bond.bond_deviation 
_pdbx_validate_rmsd_bond.bond_standard_deviation 
_pdbx_validate_rmsd_bond.linker_flag 
1 1 NE1 A TRP 1 ? ? CE2 A TRP 1 ? ? 1.192 1.371 -0.179 0.013 N 
2 1 CE2 A TRP 1 ? ? CZ2 A TRP 1 ? ? 1.224 1.393 -0.169 0.017 N 
3 1 CE2 A TRP 1 ? ? CD2 A TRP 1 ? ? 1.513 1.409 0.104  0.012 N 
4 1 CZ3 A TRP 1 ? ? CH2 A TRP 1 ? ? 1.512 1.396 0.116  0.016 N 
5 1 CA  A ASN 2 ? ? C   A ASN 2 ? ? 1.701 1.525 0.176  0.026 N 
6 1 CZ  A ARG 9 ? ? NH1 A ARG 9 ? ? 1.228 1.326 -0.098 0.013 N 
# 
loop_
_pdbx_validate_rmsd_angle.id 
_pdbx_validate_rmsd_angle.PDB_model_num 
_pdbx_validate_rmsd_angle.auth_atom_id_1 
_pdbx_validate_rmsd_angle.auth_asym_id_1 
_pdbx_validate_rmsd_angle.auth_comp_id_1 
_pdbx_validate_rmsd_angle.auth_seq_id_1 
_pdbx_validate_rmsd_angle.PDB_ins_code_1 
_pdbx_validate_rmsd_angle.label_alt_id_1 
_pdbx_validate_rmsd_angle.auth_atom_id_2 
_pdbx_validate_rmsd_angle.auth_asym_id_2 
_pdbx_validate_rmsd_angle.auth_comp_id_2 
_pdbx_validate_rmsd_angle.auth_seq_id_2 
_pdbx_validate_rmsd_angle.PDB_ins_code_2 
_pdbx_validate_rmsd_angle.label_alt_id_2 
_pdbx_validate_rmsd_angle.auth_atom_id_3 
_pdbx_validate_rmsd_angle.auth_asym_id_3 
_pdbx_validate_rmsd_angle.auth_comp_id_3 
_pdbx_validate_rmsd_angle.auth_seq_id_3 
_pdbx_validate_rmsd_angle.PDB_ins_code_3 
_pdbx_validate_rmsd_angle.label_alt_id_3 
_pdbx_validate_rmsd_angle.angle_value 
_pdbx_validate_rmsd_angle.angle_target_value 
_pdbx_validate_rmsd_angle.angle_deviation 
_pdbx_validate_rmsd_angle.angle_standard_deviation 
_pdbx_validate_rmsd_angle.linker_flag 
1 1 CD1 A TRP 1 ? ? NE1 A TRP 1 ? ? CE2 A TRP 1 ? ? 117.99 109.00 8.99   0.90 N 
2 1 CG  A TRP 1 ? ? CD2 A TRP 1 ? ? CE3 A TRP 1 ? ? 139.37 133.90 5.47   0.90 N 
3 1 CH2 A TRP 1 ? ? CZ2 A TRP 1 ? ? CE2 A TRP 1 ? ? 126.31 117.40 8.91   1.00 N 
4 1 CB  A ASN 2 ? ? CG  A ASN 2 ? ? OD1 A ASN 2 ? ? 108.87 121.60 -12.73 2.00 N 
# 
_em_3d_fitting.entry_id          7T3H 
_em_3d_fitting.id                1 
_em_3d_fitting.details           ? 
_em_3d_fitting.overall_b_value   ? 
_em_3d_fitting.ref_protocol      'AB INITIO MODEL' 
_em_3d_fitting.ref_space         RECIPROCAL 
_em_3d_fitting.target_criteria   ? 
_em_3d_fitting.method            ? 
# 
_em_3d_reconstruction.entry_id                    7T3H 
_em_3d_reconstruction.id                          1 
_em_3d_reconstruction.algorithm                   ? 
_em_3d_reconstruction.details                     ? 
_em_3d_reconstruction.refinement_type             ? 
_em_3d_reconstruction.image_processing_id         1 
_em_3d_reconstruction.num_class_averages          ? 
_em_3d_reconstruction.num_particles               ? 
_em_3d_reconstruction.resolution                  1.05 
_em_3d_reconstruction.resolution_method           'DIFFRACTION PATTERN/LAYERLINES' 
_em_3d_reconstruction.symmetry_type               '3D CRYSTAL' 
_em_3d_reconstruction.method                      ? 
_em_3d_reconstruction.nominal_pixel_size          ? 
_em_3d_reconstruction.actual_pixel_size           ? 
_em_3d_reconstruction.magnification_calibration   ? 
# 
_em_buffer.id            1 
_em_buffer.details       ? 
_em_buffer.pH            8.5 
_em_buffer.specimen_id   1 
_em_buffer.name          ? 
# 
_em_entity_assembly.id                   1 
_em_entity_assembly.parent_id            0 
_em_entity_assembly.details              ? 
_em_entity_assembly.name                 Microcrystals 
_em_entity_assembly.source               NATURAL 
_em_entity_assembly.type                 CELL 
_em_entity_assembly.entity_id_list       1 
_em_entity_assembly.synonym              ? 
_em_entity_assembly.oligomeric_details   ? 
# 
_em_imaging.id                              1 
_em_imaging.entry_id                        7T3H 
_em_imaging.accelerating_voltage            200 
_em_imaging.alignment_procedure             ? 
_em_imaging.c2_aperture_diameter            ? 
_em_imaging.calibrated_defocus_max          ? 
_em_imaging.calibrated_defocus_min          ? 
_em_imaging.calibrated_magnification        ? 
_em_imaging.cryogen                         ? 
_em_imaging.details                         ? 
_em_imaging.electron_source                 'FIELD EMISSION GUN' 
_em_imaging.illumination_mode               'FLOOD BEAM' 
_em_imaging.microscope_model                'FEI TALOS ARCTICA' 
_em_imaging.mode                            DIFFRACTION 
_em_imaging.nominal_cs                      ? 
_em_imaging.nominal_defocus_max             0.0 
_em_imaging.nominal_defocus_min             0.0 
_em_imaging.nominal_magnification           ? 
_em_imaging.recording_temperature_maximum   ? 
_em_imaging.recording_temperature_minimum   ? 
_em_imaging.residual_tilt                   ? 
_em_imaging.specimen_holder_model           ? 
_em_imaging.specimen_id                     1 
_em_imaging.citation_id                     ? 
_em_imaging.date                            ? 
_em_imaging.temperature                     ? 
_em_imaging.tilt_angle_min                  ? 
_em_imaging.tilt_angle_max                  ? 
_em_imaging.astigmatism                     ? 
_em_imaging.detector_distance               ? 
_em_imaging.electron_beam_tilt_params       ? 
_em_imaging.specimen_holder_type            ? 
# 
_em_experiment.entry_id                7T3H 
_em_experiment.id                      1 
_em_experiment.aggregation_state       '3D ARRAY' 
_em_experiment.reconstruction_method   CRYSTALLOGRAPHY 
_em_experiment.entity_assembly_id      1 
# 
loop_
_chem_comp_atom.comp_id 
_chem_comp_atom.atom_id 
_chem_comp_atom.type_symbol 
_chem_comp_atom.pdbx_aromatic_flag 
_chem_comp_atom.pdbx_stereo_config 
_chem_comp_atom.pdbx_ordinal 
ARG N    N N N 1   
ARG CA   C N S 2   
ARG C    C N N 3   
ARG O    O N N 4   
ARG CB   C N N 5   
ARG CG   C N N 6   
ARG CD   C N N 7   
ARG NE   N N N 8   
ARG CZ   C N N 9   
ARG NH1  N N N 10  
ARG NH2  N N N 11  
ARG OXT  O N N 12  
ARG H    H N N 13  
ARG H2   H N N 14  
ARG HA   H N N 15  
ARG HB2  H N N 16  
ARG HB3  H N N 17  
ARG HG2  H N N 18  
ARG HG3  H N N 19  
ARG HD2  H N N 20  
ARG HD3  H N N 21  
ARG HE   H N N 22  
ARG HH11 H N N 23  
ARG HH12 H N N 24  
ARG HH21 H N N 25  
ARG HH22 H N N 26  
ARG HXT  H N N 27  
ASN N    N N N 28  
ASN CA   C N S 29  
ASN C    C N N 30  
ASN O    O N N 31  
ASN CB   C N N 32  
ASN CG   C N N 33  
ASN OD1  O N N 34  
ASN ND2  N N N 35  
ASN OXT  O N N 36  
ASN H    H N N 37  
ASN H2   H N N 38  
ASN HA   H N N 39  
ASN HB2  H N N 40  
ASN HB3  H N N 41  
ASN HD21 H N N 42  
ASN HD22 H N N 43  
ASN HXT  H N N 44  
HIS N    N N N 45  
HIS CA   C N S 46  
HIS C    C N N 47  
HIS O    O N N 48  
HIS CB   C N N 49  
HIS CG   C Y N 50  
HIS ND1  N Y N 51  
HIS CD2  C Y N 52  
HIS CE1  C Y N 53  
HIS NE2  N Y N 54  
HIS OXT  O N N 55  
HIS H    H N N 56  
HIS H2   H N N 57  
HIS HA   H N N 58  
HIS HB2  H N N 59  
HIS HB3  H N N 60  
HIS HD1  H N N 61  
HIS HD2  H N N 62  
HIS HE1  H N N 63  
HIS HE2  H N N 64  
HIS HXT  H N N 65  
HOH O    O N N 66  
HOH H1   H N N 67  
HOH H2   H N N 68  
PHE N    N N N 69  
PHE CA   C N S 70  
PHE C    C N N 71  
PHE O    O N N 72  
PHE CB   C N N 73  
PHE CG   C Y N 74  
PHE CD1  C Y N 75  
PHE CD2  C Y N 76  
PHE CE1  C Y N 77  
PHE CE2  C Y N 78  
PHE CZ   C Y N 79  
PHE OXT  O N N 80  
PHE H    H N N 81  
PHE H2   H N N 82  
PHE HA   H N N 83  
PHE HB2  H N N 84  
PHE HB3  H N N 85  
PHE HD1  H N N 86  
PHE HD2  H N N 87  
PHE HE1  H N N 88  
PHE HE2  H N N 89  
PHE HZ   H N N 90  
PHE HXT  H N N 91  
SER N    N N N 92  
SER CA   C N S 93  
SER C    C N N 94  
SER O    O N N 95  
SER CB   C N N 96  
SER OG   O N N 97  
SER OXT  O N N 98  
SER H    H N N 99  
SER H2   H N N 100 
SER HA   H N N 101 
SER HB2  H N N 102 
SER HB3  H N N 103 
SER HG   H N N 104 
SER HXT  H N N 105 
TRP N    N N N 106 
TRP CA   C N S 107 
TRP C    C N N 108 
TRP O    O N N 109 
TRP CB   C N N 110 
TRP CG   C Y N 111 
TRP CD1  C Y N 112 
TRP CD2  C Y N 113 
TRP NE1  N Y N 114 
TRP CE2  C Y N 115 
TRP CE3  C Y N 116 
TRP CZ2  C Y N 117 
TRP CZ3  C Y N 118 
TRP CH2  C Y N 119 
TRP OXT  O N N 120 
TRP H    H N N 121 
TRP H2   H N N 122 
TRP HA   H N N 123 
TRP HB2  H N N 124 
TRP HB3  H N N 125 
TRP HD1  H N N 126 
TRP HE1  H N N 127 
TRP HE3  H N N 128 
TRP HZ2  H N N 129 
TRP HZ3  H N N 130 
TRP HH2  H N N 131 
TRP HXT  H N N 132 
TYR N    N N N 133 
TYR CA   C N S 134 
TYR C    C N N 135 
TYR O    O N N 136 
TYR CB   C N N 137 
TYR CG   C Y N 138 
TYR CD1  C Y N 139 
TYR CD2  C Y N 140 
TYR CE1  C Y N 141 
TYR CE2  C Y N 142 
TYR CZ   C Y N 143 
TYR OH   O N N 144 
TYR OXT  O N N 145 
TYR H    H N N 146 
TYR H2   H N N 147 
TYR HA   H N N 148 
TYR HB2  H N N 149 
TYR HB3  H N N 150 
TYR HD1  H N N 151 
TYR HD2  H N N 152 
TYR HE1  H N N 153 
TYR HE2  H N N 154 
TYR HH   H N N 155 
TYR HXT  H N N 156 
VAL N    N N N 157 
VAL CA   C N S 158 
VAL C    C N N 159 
VAL O    O N N 160 
VAL CB   C N N 161 
VAL CG1  C N N 162 
VAL CG2  C N N 163 
VAL OXT  O N N 164 
VAL H    H N N 165 
VAL H2   H N N 166 
VAL HA   H N N 167 
VAL HB   H N N 168 
VAL HG11 H N N 169 
VAL HG12 H N N 170 
VAL HG13 H N N 171 
VAL HG21 H N N 172 
VAL HG22 H N N 173 
VAL HG23 H N N 174 
VAL HXT  H N N 175 
# 
loop_
_chem_comp_bond.comp_id 
_chem_comp_bond.atom_id_1 
_chem_comp_bond.atom_id_2 
_chem_comp_bond.value_order 
_chem_comp_bond.pdbx_aromatic_flag 
_chem_comp_bond.pdbx_stereo_config 
_chem_comp_bond.pdbx_ordinal 
ARG N   CA   sing N N 1   
ARG N   H    sing N N 2   
ARG N   H2   sing N N 3   
ARG CA  C    sing N N 4   
ARG CA  CB   sing N N 5   
ARG CA  HA   sing N N 6   
ARG C   O    doub N N 7   
ARG C   OXT  sing N N 8   
ARG CB  CG   sing N N 9   
ARG CB  HB2  sing N N 10  
ARG CB  HB3  sing N N 11  
ARG CG  CD   sing N N 12  
ARG CG  HG2  sing N N 13  
ARG CG  HG3  sing N N 14  
ARG CD  NE   sing N N 15  
ARG CD  HD2  sing N N 16  
ARG CD  HD3  sing N N 17  
ARG NE  CZ   sing N N 18  
ARG NE  HE   sing N N 19  
ARG CZ  NH1  sing N N 20  
ARG CZ  NH2  doub N N 21  
ARG NH1 HH11 sing N N 22  
ARG NH1 HH12 sing N N 23  
ARG NH2 HH21 sing N N 24  
ARG NH2 HH22 sing N N 25  
ARG OXT HXT  sing N N 26  
ASN N   CA   sing N N 27  
ASN N   H    sing N N 28  
ASN N   H2   sing N N 29  
ASN CA  C    sing N N 30  
ASN CA  CB   sing N N 31  
ASN CA  HA   sing N N 32  
ASN C   O    doub N N 33  
ASN C   OXT  sing N N 34  
ASN CB  CG   sing N N 35  
ASN CB  HB2  sing N N 36  
ASN CB  HB3  sing N N 37  
ASN CG  OD1  doub N N 38  
ASN CG  ND2  sing N N 39  
ASN ND2 HD21 sing N N 40  
ASN ND2 HD22 sing N N 41  
ASN OXT HXT  sing N N 42  
HIS N   CA   sing N N 43  
HIS N   H    sing N N 44  
HIS N   H2   sing N N 45  
HIS CA  C    sing N N 46  
HIS CA  CB   sing N N 47  
HIS CA  HA   sing N N 48  
HIS C   O    doub N N 49  
HIS C   OXT  sing N N 50  
HIS CB  CG   sing N N 51  
HIS CB  HB2  sing N N 52  
HIS CB  HB3  sing N N 53  
HIS CG  ND1  sing Y N 54  
HIS CG  CD2  doub Y N 55  
HIS ND1 CE1  doub Y N 56  
HIS ND1 HD1  sing N N 57  
HIS CD2 NE2  sing Y N 58  
HIS CD2 HD2  sing N N 59  
HIS CE1 NE2  sing Y N 60  
HIS CE1 HE1  sing N N 61  
HIS NE2 HE2  sing N N 62  
HIS OXT HXT  sing N N 63  
HOH O   H1   sing N N 64  
HOH O   H2   sing N N 65  
PHE N   CA   sing N N 66  
PHE N   H    sing N N 67  
PHE N   H2   sing N N 68  
PHE CA  C    sing N N 69  
PHE CA  CB   sing N N 70  
PHE CA  HA   sing N N 71  
PHE C   O    doub N N 72  
PHE C   OXT  sing N N 73  
PHE CB  CG   sing N N 74  
PHE CB  HB2  sing N N 75  
PHE CB  HB3  sing N N 76  
PHE CG  CD1  doub Y N 77  
PHE CG  CD2  sing Y N 78  
PHE CD1 CE1  sing Y N 79  
PHE CD1 HD1  sing N N 80  
PHE CD2 CE2  doub Y N 81  
PHE CD2 HD2  sing N N 82  
PHE CE1 CZ   doub Y N 83  
PHE CE1 HE1  sing N N 84  
PHE CE2 CZ   sing Y N 85  
PHE CE2 HE2  sing N N 86  
PHE CZ  HZ   sing N N 87  
PHE OXT HXT  sing N N 88  
SER N   CA   sing N N 89  
SER N   H    sing N N 90  
SER N   H2   sing N N 91  
SER CA  C    sing N N 92  
SER CA  CB   sing N N 93  
SER CA  HA   sing N N 94  
SER C   O    doub N N 95  
SER C   OXT  sing N N 96  
SER CB  OG   sing N N 97  
SER CB  HB2  sing N N 98  
SER CB  HB3  sing N N 99  
SER OG  HG   sing N N 100 
SER OXT HXT  sing N N 101 
TRP N   CA   sing N N 102 
TRP N   H    sing N N 103 
TRP N   H2   sing N N 104 
TRP CA  C    sing N N 105 
TRP CA  CB   sing N N 106 
TRP CA  HA   sing N N 107 
TRP C   O    doub N N 108 
TRP C   OXT  sing N N 109 
TRP CB  CG   sing N N 110 
TRP CB  HB2  sing N N 111 
TRP CB  HB3  sing N N 112 
TRP CG  CD1  doub Y N 113 
TRP CG  CD2  sing Y N 114 
TRP CD1 NE1  sing Y N 115 
TRP CD1 HD1  sing N N 116 
TRP CD2 CE2  doub Y N 117 
TRP CD2 CE3  sing Y N 118 
TRP NE1 CE2  sing Y N 119 
TRP NE1 HE1  sing N N 120 
TRP CE2 CZ2  sing Y N 121 
TRP CE3 CZ3  doub Y N 122 
TRP CE3 HE3  sing N N 123 
TRP CZ2 CH2  doub Y N 124 
TRP CZ2 HZ2  sing N N 125 
TRP CZ3 CH2  sing Y N 126 
TRP CZ3 HZ3  sing N N 127 
TRP CH2 HH2  sing N N 128 
TRP OXT HXT  sing N N 129 
TYR N   CA   sing N N 130 
TYR N   H    sing N N 131 
TYR N   H2   sing N N 132 
TYR CA  C    sing N N 133 
TYR CA  CB   sing N N 134 
TYR CA  HA   sing N N 135 
TYR C   O    doub N N 136 
TYR C   OXT  sing N N 137 
TYR CB  CG   sing N N 138 
TYR CB  HB2  sing N N 139 
TYR CB  HB3  sing N N 140 
TYR CG  CD1  doub Y N 141 
TYR CG  CD2  sing Y N 142 
TYR CD1 CE1  sing Y N 143 
TYR CD1 HD1  sing N N 144 
TYR CD2 CE2  doub Y N 145 
TYR CD2 HD2  sing N N 146 
TYR CE1 CZ   doub Y N 147 
TYR CE1 HE1  sing N N 148 
TYR CE2 CZ   sing Y N 149 
TYR CE2 HE2  sing N N 150 
TYR CZ  OH   sing N N 151 
TYR OH  HH   sing N N 152 
TYR OXT HXT  sing N N 153 
VAL N   CA   sing N N 154 
VAL N   H    sing N N 155 
VAL N   H2   sing N N 156 
VAL CA  C    sing N N 157 
VAL CA  CB   sing N N 158 
VAL CA  HA   sing N N 159 
VAL C   O    doub N N 160 
VAL C   OXT  sing N N 161 
VAL CB  CG1  sing N N 162 
VAL CB  CG2  sing N N 163 
VAL CB  HB   sing N N 164 
VAL CG1 HG11 sing N N 165 
VAL CG1 HG12 sing N N 166 
VAL CG1 HG13 sing N N 167 
VAL CG2 HG21 sing N N 168 
VAL CG2 HG22 sing N N 169 
VAL CG2 HG23 sing N N 170 
VAL OXT HXT  sing N N 171 
# 
_em_3d_crystal_entity.id                    1 
_em_3d_crystal_entity.image_processing_id   1 
_em_3d_crystal_entity.angle_alpha           90.00 
_em_3d_crystal_entity.angle_beta            112.00 
_em_3d_crystal_entity.angle_gamma           90.00 
_em_3d_crystal_entity.length_a              42.23 
_em_3d_crystal_entity.length_b              9.73 
_em_3d_crystal_entity.length_c              19.07 
_em_3d_crystal_entity.space_group_name      C2 
_em_3d_crystal_entity.space_group_num       5 
# 
_em_ctf_correction.id                       1 
_em_ctf_correction.em_image_processing_id   1 
_em_ctf_correction.type                     NONE 
_em_ctf_correction.details                  ? 
# 
_em_diffraction.id                1 
_em_diffraction.camera_length     641 
_em_diffraction.imaging_id        1 
_em_diffraction.tilt_angle_list   ? 
# 
_em_diffraction_shell.id                        1 
_em_diffraction_shell.em_diffraction_stats_id   1 
_em_diffraction_shell.fourier_space_coverage    98.6 
_em_diffraction_shell.high_resolution           1.05 
_em_diffraction_shell.low_resolution            9.5 
_em_diffraction_shell.multiplicity              6.96 
_em_diffraction_shell.num_structure_factors     5002 
_em_diffraction_shell.phase_residual            15 
# 
_em_diffraction_stats.id                               1 
_em_diffraction_stats.details                          ? 
_em_diffraction_stats.image_processing_id              1 
_em_diffraction_stats.fourier_space_coverage           98.0 
_em_diffraction_stats.high_resolution                  1.05 
_em_diffraction_stats.num_intensities_measured         59418 
_em_diffraction_stats.num_structure_factors            6485 
_em_diffraction_stats.overall_phase_error              ? 
_em_diffraction_stats.overall_phase_residual           ? 
_em_diffraction_stats.phase_error_rejection_criteria   NULL 
_em_diffraction_stats.r_merge                          0.205 
_em_diffraction_stats.r_sym                            ? 
# 
_em_entity_assembly_naturalsource.id                   2 
_em_entity_assembly_naturalsource.entity_assembly_id   1 
_em_entity_assembly_naturalsource.cell                 ? 
_em_entity_assembly_naturalsource.cellular_location    ? 
_em_entity_assembly_naturalsource.ncbi_tax_id          286156 
_em_entity_assembly_naturalsource.organ                ? 
_em_entity_assembly_naturalsource.organelle            ? 
_em_entity_assembly_naturalsource.organism             'Photorhabdus australis' 
_em_entity_assembly_naturalsource.strain               ? 
_em_entity_assembly_naturalsource.tissue               ? 
# 
_em_image_processing.id                   1 
_em_image_processing.image_recording_id   1 
_em_image_processing.details              ? 
# 
_em_image_recording.id                                  1 
_em_image_recording.imaging_id                          1 
_em_image_recording.avg_electron_dose_per_image         0.0165 
_em_image_recording.average_exposure_time               ? 
_em_image_recording.details                             ? 
_em_image_recording.detector_mode                       ? 
_em_image_recording.film_or_detector_model              'FEI CETA (4k x 4k)' 
_em_image_recording.num_diffraction_images              ? 
_em_image_recording.num_grids_imaged                    ? 
_em_image_recording.num_real_images                     ? 
_em_image_recording.avg_electron_dose_per_subtomogram   ? 
# 
loop_
_em_software.id 
_em_software.category 
_em_software.details 
_em_software.name 
_em_software.version 
_em_software.image_processing_id 
_em_software.fitting_id 
_em_software.imaging_id 
1  'IMAGE ACQUISITION'             ? ? ? ? ? 1 
2  MASKING                         ? ? ? ? ? ? 
3  'CTF CORRECTION'                ? ? ? 1 ? ? 
4  'LAYERLINE INDEXING'            ? ? ? ? ? ? 
5  'DIFFRACTION INDEXING'          ? ? ? ? ? ? 
6  'MODEL FITTING'                 ? ? ? ? 1 ? 
7  OTHER                           ? ? ? ? ? ? 
8  'MODEL REFINEMENT'              ? ? ? ? 1 ? 
9  'MOLECULAR REPLACEMENT'         ? ? ? 1 ? ? 
10 'LATTICE DISTORTION CORRECTION' ? ? ? 1 ? ? 
11 'SYMMETRY DETERMINATION'        ? ? ? 1 ? ? 
12 'CRYSTALLOGRAPHY MERGING'       ? ? ? 1 ? ? 
13 RECONSTRUCTION                  ? ? ? 1 ? ? 
# 
_em_specimen.id                      1 
_em_specimen.experiment_id           1 
_em_specimen.concentration           ? 
_em_specimen.details                 ? 
_em_specimen.embedding_applied       NO 
_em_specimen.shadowing_applied       NO 
_em_specimen.staining_applied        NO 
_em_specimen.vitrification_applied   NO 
# 
loop_
_pdbx_audit_support.funding_organization 
_pdbx_audit_support.country 
_pdbx_audit_support.grant_number 
_pdbx_audit_support.ordinal 
'Swiss National Science Foundation' ? 177084 1 
'Swiss National Science Foundation' ? 187170 2 
# 
_atom_sites.entry_id                    7T3H 
_atom_sites.Cartn_transf_matrix[1][1]   ? 
_atom_sites.Cartn_transf_matrix[1][2]   ? 
_atom_sites.Cartn_transf_matrix[1][3]   ? 
_atom_sites.Cartn_transf_matrix[2][1]   ? 
_atom_sites.Cartn_transf_matrix[2][2]   ? 
_atom_sites.Cartn_transf_matrix[2][3]   ? 
_atom_sites.Cartn_transf_matrix[3][1]   ? 
_atom_sites.Cartn_transf_matrix[3][2]   ? 
_atom_sites.Cartn_transf_matrix[3][3]   ? 
_atom_sites.Cartn_transf_vector[1]      ? 
_atom_sites.Cartn_transf_vector[2]      ? 
_atom_sites.Cartn_transf_vector[3]      ? 
_atom_sites.fract_transf_matrix[1][1]   -0.01130977 
_atom_sites.fract_transf_matrix[1][2]   0.01630396 
_atom_sites.fract_transf_matrix[1][3]   -0.01607977 
_atom_sites.fract_transf_matrix[2][1]   0.09214873 
_atom_sites.fract_transf_matrix[2][2]   0.03249267 
_atom_sites.fract_transf_matrix[2][3]   -0.03186750 
_atom_sites.fract_transf_matrix[3][1]   -0.00932446 
_atom_sites.fract_transf_matrix[3][2]   -0.02327567 
_atom_sites.fract_transf_matrix[3][3]   -0.05069509 
_atom_sites.fract_transf_vector[1]      0.351361 
_atom_sites.fract_transf_vector[2]      0.499034 
_atom_sites.fract_transf_vector[3]      0.386856 
_atom_sites.solution_primary            ? 
_atom_sites.solution_secondary          ? 
_atom_sites.solution_hydrogens          ? 
_atom_sites.special_details             ? 
# 
loop_
_atom_type.symbol 
C 
H 
N 
O 
# 
loop_
_atom_site.group_PDB 
_atom_site.id 
_atom_site.type_symbol 
_atom_site.label_atom_id 
_atom_site.label_alt_id 
_atom_site.label_comp_id 
_atom_site.label_asym_id 
_atom_site.label_entity_id 
_atom_site.label_seq_id 
_atom_site.pdbx_PDB_ins_code 
_atom_site.Cartn_x 
_atom_site.Cartn_y 
_atom_site.Cartn_z 
_atom_site.occupancy 
_atom_site.B_iso_or_equiv 
_atom_site.pdbx_formal_charge 
_atom_site.auth_seq_id 
_atom_site.auth_comp_id 
_atom_site.auth_asym_id 
_atom_site.auth_atom_id 
_atom_site.pdbx_PDB_model_num 
ATOM   1   N N    . TRP A 1 1  ? -6.882 12.645  0.728  1.00 18.79 ? 1   TRP A N    1 
ATOM   2   C CA   . TRP A 1 1  ? -5.924 11.703  0.261  1.00 12.04 ? 1   TRP A CA   1 
ATOM   3   C C    . TRP A 1 1  ? -5.778 10.673  1.235  1.00 13.10 ? 1   TRP A C    1 
ATOM   4   O O    . TRP A 1 1  ? -5.929 10.934  2.459  1.00 18.46 ? 1   TRP A O    1 
ATOM   5   C CB   . TRP A 1 1  ? -4.546 12.288  0.091  1.00 11.97 ? 1   TRP A CB   1 
ATOM   6   C CG   . TRP A 1 1  ? -3.494 11.458  -0.589 1.00 10.70 ? 1   TRP A CG   1 
ATOM   7   C CD1  . TRP A 1 1  ? -3.229 11.316  -1.869 1.00 12.05 ? 1   TRP A CD1  1 
ATOM   8   C CD2  . TRP A 1 1  ? -2.769 10.374  0.074  1.00 9.57  ? 1   TRP A CD2  1 
ATOM   9   N NE1  . TRP A 1 1  ? -2.257 10.285  -1.985 1.00 11.69 ? 1   TRP A NE1  1 
ATOM   10  C CE2  . TRP A 1 1  ? -1.981 9.664   -1.006 1.00 9.31  ? 1   TRP A CE2  1 
ATOM   11  C CE3  . TRP A 1 1  ? -2.572 9.886   1.308  1.00 11.98 ? 1   TRP A CE3  1 
ATOM   12  C CZ2  . TRP A 1 1  ? -1.204 8.753   -0.753 1.00 9.03  ? 1   TRP A CZ2  1 
ATOM   13  C CZ3  . TRP A 1 1  ? -1.700 8.875   1.587  1.00 12.73 ? 1   TRP A CZ3  1 
ATOM   14  C CH2  . TRP A 1 1  ? -0.976 8.236   0.423  1.00 11.72 ? 1   TRP A CH2  1 
ATOM   15  H H1   . TRP A 1 1  ? -6.516 13.150  1.363  1.00 22.54 ? 1   TRP A H1   1 
ATOM   16  H H2   . TRP A 1 1  ? -7.585 12.212  1.062  1.00 22.54 ? 1   TRP A H2   1 
ATOM   17  H H3   . TRP A 1 1  ? -7.145 13.161  0.052  1.00 22.54 ? 1   TRP A H3   1 
ATOM   18  H HA   . TRP A 1 1  ? -6.226 11.316  -0.587 1.00 14.45 ? 1   TRP A HA   1 
ATOM   19  H HB2  . TRP A 1 1  ? -4.635 13.115  -0.406 1.00 14.37 ? 1   TRP A HB2  1 
ATOM   20  H HB3  . TRP A 1 1  ? -4.214 12.519  0.973  1.00 14.37 ? 1   TRP A HB3  1 
ATOM   21  H HD1  . TRP A 1 1  ? -3.607 11.799  -2.567 1.00 14.46 ? 1   TRP A HD1  1 
ATOM   22  H HE1  . TRP A 1 1  ? -1.880 10.115  -2.740 1.00 14.03 ? 1   TRP A HE1  1 
ATOM   23  H HE3  . TRP A 1 1  ? -3.057 10.256  2.011  1.00 14.38 ? 1   TRP A HE3  1 
ATOM   24  H HZ2  . TRP A 1 1  ? -0.729 8.394   -1.468 1.00 10.84 ? 1   TRP A HZ2  1 
ATOM   25  H HZ3  . TRP A 1 1  ? -1.556 8.588   2.461  1.00 15.28 ? 1   TRP A HZ3  1 
ATOM   26  N N    . ASN A 1 2  ? -5.728 9.409   0.872  1.00 13.57 ? 2   ASN A N    1 
ATOM   27  C CA   . ASN A 1 2  ? -5.845 8.244   1.857  1.00 19.61 ? 2   ASN A CA   1 
ATOM   28  C C    . ASN A 1 2  ? -4.935 7.057   1.047  1.00 10.70 ? 2   ASN A C    1 
ATOM   29  O O    . ASN A 1 2  ? -4.653 7.032   -0.099 1.00 16.52 ? 2   ASN A O    1 
ATOM   30  C CB   . ASN A 1 2  ? -7.303 7.741   1.984  1.00 25.26 ? 2   ASN A CB   1 
ATOM   31  C CG   . ASN A 1 2  ? -8.233 8.697   2.623  1.00 25.37 ? 2   ASN A CG   1 
ATOM   32  O OD1  . ASN A 1 2  ? -8.788 9.339   1.761  1.00 25.44 ? 2   ASN A OD1  1 
ATOM   33  N ND2  . ASN A 1 2  ? -8.400 8.956   3.926  1.00 25.71 ? 2   ASN A ND2  1 
ATOM   34  H H    . ASN A 1 2  ? -5.626 9.228   0.038  1.00 16.28 ? 2   ASN A H    1 
ATOM   35  H HA   . ASN A 1 2  ? -5.458 8.466   2.731  1.00 23.53 ? 2   ASN A HA   1 
ATOM   36  H HB2  . ASN A 1 2  ? -7.637 7.531   1.098  1.00 30.31 ? 2   ASN A HB2  1 
ATOM   37  H HB3  . ASN A 1 2  ? -7.303 6.919   2.500  1.00 30.31 ? 2   ASN A HB3  1 
ATOM   38  H HD21 . ASN A 1 2  ? -8.917 9.597   4.174  1.00 30.86 ? 2   ASN A HD21 1 
ATOM   39  H HD22 . ASN A 1 2  ? -7.992 8.481   4.516  1.00 30.86 ? 2   ASN A HD22 1 
ATOM   40  N N    . SER A 1 3  ? -4.633 6.019   1.870  1.00 10.23 ? 3   SER A N    1 
ATOM   41  C CA   . SER A 1 3  ? -4.282 4.722   1.325  1.00 11.59 ? 3   SER A CA   1 
ATOM   42  C C    . SER A 1 3  ? -3.024 4.665   0.536  1.00 10.30 ? 3   SER A C    1 
ATOM   43  O O    . SER A 1 3  ? -2.913 4.074   -0.537 1.00 13.71 ? 3   SER A O    1 
ATOM   44  C CB   . SER A 1 3  ? -5.427 4.077   0.511  1.00 14.45 ? 3   SER A CB   1 
ATOM   45  O OG   . SER A 1 3  ? -6.665 4.115   1.119  1.00 18.80 ? 3   SER A OG   1 
ATOM   46  H H    . SER A 1 3  ? -4.650 6.133   2.722  1.00 12.28 ? 3   SER A H    1 
ATOM   47  H HA   . SER A 1 3  ? -4.141 4.136   2.098  1.00 13.91 ? 3   SER A HA   1 
ATOM   48  H HB2  . SER A 1 3  ? -5.490 4.529   -0.345 1.00 17.34 ? 3   SER A HB2  1 
ATOM   49  H HB3  . SER A 1 3  ? -5.198 3.151   0.336  1.00 17.34 ? 3   SER A HB3  1 
ATOM   50  H HG   . SER A 1 3  ? -6.817 3.391   1.463  1.00 28.20 ? 3   SER A HG   1 
ATOM   51  N N    . ASN A 1 4  ? -1.981 5.478   1.071  1.00 9.81  ? 4   ASN A N    1 
ATOM   52  C CA   . ASN A 1 4  ? -0.753 5.710   0.345  1.00 14.66 ? 4   ASN A CA   1 
ATOM   53  C C    . ASN A 1 4  ? 0.216  4.499   0.392  1.00 14.55 ? 4   ASN A C    1 
ATOM   54  O O    . ASN A 1 4  ? 1.142  4.584   -0.339 1.00 37.17 ? 4   ASN A O    1 
ATOM   55  C CB   . ASN A 1 4  ? -0.120 7.038   0.790  1.00 13.77 ? 4   ASN A CB   1 
ATOM   56  C CG   . ASN A 1 4  ? 0.482  6.914   2.222  1.00 16.11 ? 4   ASN A CG   1 
ATOM   57  O OD1  . ASN A 1 4  ? -0.299 6.615   3.115  1.00 15.84 ? 4   ASN A OD1  1 
ATOM   58  N ND2  . ASN A 1 4  ? 1.785  7.147   2.546  1.00 53.54 ? 4   ASN A ND2  1 
ATOM   59  H H    . ASN A 1 4  ? -2.087 5.840   1.844  1.00 11.77 ? 4   ASN A H    1 
ATOM   60  H HA   . ASN A 1 4  ? -1.005 5.826   -0.596 1.00 17.59 ? 4   ASN A HA   1 
ATOM   61  H HB2  . ASN A 1 4  ? 0.667  7.127   0.213  1.00 16.52 ? 4   ASN A HB2  1 
ATOM   62  H HD21 . ASN A 1 4  ? 2.043  7.084   3.364  1.00 64.25 ? 4   ASN A HD21 1 
ATOM   63  H HD22 . ASN A 1 4  ? 2.350  7.360   1.933  1.00 64.25 ? 4   ASN A HD22 1 
ATOM   64  N N    . VAL A 1 5  ? 0.069  3.575   1.293  1.00 7.53  ? 5   VAL A N    1 
ATOM   65  C CA   . VAL A 1 5  ? 1.026  2.547   1.447  1.00 7.37  ? 5   VAL A CA   1 
ATOM   66  C C    . VAL A 1 5  ? 0.491  1.242   0.757  1.00 6.61  ? 5   VAL A C    1 
ATOM   67  O O    . VAL A 1 5  ? -0.606 0.808   1.100  1.00 7.67  ? 5   VAL A O    1 
ATOM   68  C CB   . VAL A 1 5  ? 1.389  2.249   2.955  1.00 7.98  ? 5   VAL A CB   1 
ATOM   69  C CG1  . VAL A 1 5  ? 2.388  1.165   3.053  1.00 11.60 ? 5   VAL A CG1  1 
ATOM   70  C CG2  . VAL A 1 5  ? 1.890  3.571   3.658  1.00 9.56  ? 5   VAL A CG2  1 
ATOM   71  H H    . VAL A 1 5  ? -0.621 3.590   1.806  1.00 9.04  ? 5   VAL A H    1 
ATOM   72  H HA   . VAL A 1 5  ? 1.844  2.821   0.984  1.00 8.84  ? 5   VAL A HA   1 
ATOM   73  H HB   . VAL A 1 5  ? 0.574  1.952   3.411  1.00 9.57  ? 5   VAL A HB   1 
ATOM   74  H HG11 . VAL A 1 5  ? 1.964  0.323   2.878  1.00 17.40 ? 5   VAL A HG11 1 
ATOM   75  H HG12 . VAL A 1 5  ? 2.763  1.156   3.937  1.00 17.40 ? 5   VAL A HG12 1 
ATOM   76  H HG13 . VAL A 1 5  ? 3.085  1.313   2.411  1.00 17.40 ? 5   VAL A HG13 1 
ATOM   77  H HG21 . VAL A 1 5  ? 2.666  3.902   3.200  1.00 14.34 ? 5   VAL A HG21 1 
ATOM   78  H HG22 . VAL A 1 5  ? 2.114  3.381   4.572  1.00 14.34 ? 5   VAL A HG22 1 
ATOM   79  H HG23 . VAL A 1 5  ? 1.194  4.232   3.629  1.00 14.34 ? 5   VAL A HG23 1 
ATOM   80  N N    . HIS A 1 6  ? 1.324  0.639   -0.116 1.00 7.56  ? 6   HIS A N    1 
ATOM   81  C CA   . HIS A 1 6  ? 1.131  -0.724  -0.497 1.00 7.45  ? 6   HIS A CA   1 
ATOM   82  C C    . HIS A 1 6  ? 2.355  -1.560  0.010  1.00 6.23  ? 6   HIS A C    1 
ATOM   83  O O    . HIS A 1 6  ? 3.542  -1.310  -0.348 1.00 7.12  ? 6   HIS A O    1 
ATOM   84  C CB   . HIS A 1 6  ? 1.007  -0.943  -1.992 1.00 7.97  ? 6   HIS A CB   1 
ATOM   85  C CG   . HIS A 1 6  ? 1.024  -2.434  -2.355 1.00 7.82  ? 6   HIS A CG   1 
ATOM   86  N ND1  . HIS A 1 6  ? -0.123 -3.209  -2.374 1.00 8.37  ? 6   HIS A ND1  1 
ATOM   87  C CD2  . HIS A 1 6  ? 2.113  -3.211  -2.592 1.00 6.79  ? 6   HIS A CD2  1 
ATOM   88  C CE1  . HIS A 1 6  ? 0.333  -4.423  -2.601 1.00 7.71  ? 6   HIS A CE1  1 
ATOM   89  N NE2  . HIS A 1 6  ? 1.651  -4.527  -2.694 1.00 8.10  ? 6   HIS A NE2  1 
ATOM   90  H H    . HIS A 1 6  ? 1.982  1.082   -0.448 1.00 9.07  ? 6   HIS A H    1 
ATOM   91  H HA   . HIS A 1 6  ? 0.320  -1.059  -0.062 1.00 8.93  ? 6   HIS A HA   1 
ATOM   92  H HB2  . HIS A 1 6  ? 0.179  -0.547  -2.305 1.00 9.56  ? 6   HIS A HB2  1 
ATOM   93  H HB3  . HIS A 1 6  ? 1.741  -0.496  -2.443 1.00 9.56  ? 6   HIS A HB3  1 
ATOM   94  H HD2  . HIS A 1 6  ? 2.994  -2.925  -2.672 1.00 8.15  ? 6   HIS A HD2  1 
ATOM   95  H HE1  . HIS A 1 6  ? -0.231 -5.156  -2.691 1.00 9.26  ? 6   HIS A HE1  1 
ATOM   96  N N    . SER A 1 7  ? 2.087  -2.593  0.858  1.00 7.13  ? 7   SER A N    1 
ATOM   97  C CA   . SER A 1 7  ? 3.036  -3.594  1.192  1.00 6.76  ? 7   SER A CA   1 
ATOM   98  C C    . SER A 1 7  ? 2.562  -4.878  0.467  1.00 5.55  ? 7   SER A C    1 
ATOM   99  O O    . SER A 1 7  ? 1.496  -5.383  0.791  1.00 6.82  ? 7   SER A O    1 
ATOM   100 C CB   . SER A 1 7  ? 3.076  -3.767  2.681  1.00 8.89  ? 7   SER A CB   1 
ATOM   101 O OG   . SER A 1 7  ? 4.110  -4.734  3.110  1.00 10.51 ? 7   SER A OG   1 
ATOM   102 H H    . SER A 1 7  ? 1.304  -2.639  1.210  1.00 8.55  ? 7   SER A H    1 
ATOM   103 H HA   . SER A 1 7  ? 3.922  -3.336  0.864  1.00 8.11  ? 7   SER A HA   1 
ATOM   104 H HB2  . SER A 1 7  ? 3.252  -2.908  3.096  1.00 10.67 ? 7   SER A HB2  1 
ATOM   105 H HB3  . SER A 1 7  ? 2.208  -4.073  2.988  1.00 10.67 ? 7   SER A HB3  1 
ATOM   106 H HG   . SER A 1 7  ? 4.624  -4.368  3.634  1.00 15.76 ? 7   SER A HG   1 
ATOM   107 N N    . TYR A 1 8  ? 3.327  -5.289  -0.583 1.00 6.11  ? 8   TYR A N    1 
ATOM   108 C CA   . TYR A 1 8  ? 2.799  -6.346  -1.530 1.00 6.08  ? 8   TYR A CA   1 
ATOM   109 C C    . TYR A 1 8  ? 3.911  -7.399  -1.686 1.00 5.83  ? 8   TYR A C    1 
ATOM   110 O O    . TYR A 1 8  ? 4.924  -7.136  -2.293 1.00 7.30  ? 8   TYR A O    1 
ATOM   111 C CB   . TYR A 1 8  ? 2.453  -5.751  -2.936 1.00 5.61  ? 8   TYR A CB   1 
ATOM   112 C CG   . TYR A 1 8  ? 1.836  -6.709  -3.874 1.00 7.58  ? 8   TYR A CG   1 
ATOM   113 C CD1  . TYR A 1 8  ? 1.041  -7.800  -3.432 1.00 9.53  ? 8   TYR A CD1  1 
ATOM   114 C CD2  . TYR A 1 8  ? 1.960  -6.495  -5.287 1.00 9.04  ? 8   TYR A CD2  1 
ATOM   115 C CE1  . TYR A 1 8  ? 0.371  -8.606  -4.420 1.00 9.96  ? 8   TYR A CE1  1 
ATOM   116 C CE2  . TYR A 1 8  ? 1.263  -7.386  -6.207 1.00 9.74  ? 8   TYR A CE2  1 
ATOM   117 C CZ   . TYR A 1 8  ? 0.398  -8.378  -5.732 1.00 11.50 ? 8   TYR A CZ   1 
ATOM   118 O OH   . TYR A 1 8  ? -0.323 -9.160  -6.624 1.00 14.49 ? 8   TYR A OH   1 
ATOM   119 H H    . TYR A 1 8  ? 4.106  -4.948  -0.708 1.00 7.34  ? 8   TYR A H    1 
ATOM   120 H HA   . TYR A 1 8  ? 2.001  -6.765  -1.145 1.00 7.30  ? 8   TYR A HA   1 
ATOM   121 H HB3  . TYR A 1 8  ? 3.298  -5.463  -3.339 1.00 6.74  ? 8   TYR A HB3  1 
ATOM   122 H HD1  . TYR A 1 8  ? 0.953  -7.987  -2.526 1.00 11.43 ? 8   TYR A HD1  1 
ATOM   123 H HD2  . TYR A 1 8  ? 2.479  -5.795  -5.613 1.00 10.85 ? 8   TYR A HD2  1 
ATOM   124 H HE1  . TYR A 1 8  ? -0.117 -9.339  -4.121 1.00 11.95 ? 8   TYR A HE1  1 
ATOM   125 H HE2  . TYR A 1 8  ? 1.394  -7.293  -7.122 1.00 11.69 ? 8   TYR A HE2  1 
ATOM   126 H HH   . TYR A 1 8  ? -0.284 -8.827  -7.373 1.00 21.74 ? 8   TYR A HH   1 
ATOM   127 N N    . ARG A 1 9  ? 3.668  -8.523  -1.000 1.00 6.96  ? 9   ARG A N    1 
ATOM   128 C CA   . ARG A 1 9  ? 4.635  -9.636  -0.948 1.00 7.09  ? 9   ARG A CA   1 
ATOM   129 C C    . ARG A 1 9  ? 4.001  -10.858 -1.667 1.00 6.02  ? 9   ARG A C    1 
ATOM   130 O O    . ARG A 1 9  ? 2.877  -11.233 -1.346 1.00 7.55  ? 9   ARG A O    1 
ATOM   131 C CB   . ARG A 1 9  ? 5.078  -9.970  0.418  1.00 8.08  ? 9   ARG A CB   1 
ATOM   132 C CG   . ARG A 1 9  ? 6.068  -11.216 0.378  1.00 9.32  ? 9   ARG A CG   1 
ATOM   133 C CD   . ARG A 1 9  ? 6.749  -11.478 1.806  1.00 10.18 ? 9   ARG A CD   1 
ATOM   134 N NE   . ARG A 1 9  ? 7.719  -10.507 2.117  1.00 11.20 ? 9   ARG A NE   1 
ATOM   135 C CZ   . ARG A 1 9  ? 8.988  -10.416 1.807  1.00 8.47  ? 9   ARG A CZ   1 
ATOM   136 N NH1  . ARG A 1 9  ? 9.444  -11.198 0.978  1.00 11.74 ? 9   ARG A NH1  1 
ATOM   137 N NH2  . ARG A 1 9  ? 9.730  -9.462  2.428  1.00 12.31 ? 9   ARG A NH2  1 
ATOM   138 H H    . ARG A 1 9  ? 2.925  -8.598  -0.575 1.00 8.35  ? 9   ARG A H    1 
ATOM   139 H HA   . ARG A 1 9  ? 5.426  -9.367  -1.460 1.00 8.51  ? 9   ARG A HA   1 
ATOM   140 H HB2  . ARG A 1 9  ? 5.530  -9.208  0.811  1.00 9.69  ? 9   ARG A HB2  1 
ATOM   141 H HB3  . ARG A 1 9  ? 4.309  -10.183 0.969  1.00 9.69  ? 9   ARG A HB3  1 
ATOM   142 H HG2  . ARG A 1 9  ? 5.577  -12.008 0.108  1.00 11.19 ? 9   ARG A HG2  1 
ATOM   143 H HG3  . ARG A 1 9  ? 6.761  -11.054 -0.283 1.00 11.19 ? 9   ARG A HG3  1 
ATOM   144 H HD2  . ARG A 1 9  ? 6.063  -11.473 2.491  1.00 12.21 ? 9   ARG A HD2  1 
ATOM   145 H HD3  . ARG A 1 9  ? 7.164  -12.354 1.806  1.00 12.21 ? 9   ARG A HD3  1 
ATOM   146 H HE   . ARG A 1 9  ? 7.425  -9.857  2.596  1.00 13.43 ? 9   ARG A HE   1 
ATOM   147 H HH11 . ARG A 1 9  ? 8.933  -11.787 0.615  1.00 14.09 ? 9   ARG A HH11 1 
ATOM   148 H HH12 . ARG A 1 9  ? 10.275 -11.156 0.759  1.00 14.09 ? 9   ARG A HH12 1 
ATOM   149 H HH21 . ARG A 1 9  ? 10.566 -9.382  2.246  1.00 14.77 ? 9   ARG A HH21 1 
ATOM   150 H HH22 . ARG A 1 9  ? 9.362  -8.938  3.002  1.00 14.77 ? 9   ARG A HH22 1 
ATOM   151 N N    . PHE A 1 10 ? 4.659  -11.460 -2.624 1.00 7.68  ? 10  PHE A N    1 
ATOM   152 C CA   . PHE A 1 10 ? 4.176  -12.626 -3.452 1.00 7.44  ? 10  PHE A CA   1 
ATOM   153 C C    . PHE A 1 10 ? 5.215  -13.526 -3.972 1.00 8.55  ? 10  PHE A C    1 
ATOM   154 O O    . PHE A 1 10 ? 6.349  -13.135 -3.900 1.00 10.78 ? 10  PHE A O    1 
ATOM   155 C CB   . PHE A 1 10 ? 3.250  -12.028 -4.587 1.00 8.73  ? 10  PHE A CB   1 
ATOM   156 C CG   . PHE A 1 10 ? 3.858  -11.076 -5.543 1.00 9.48  ? 10  PHE A CG   1 
ATOM   157 C CD1  . PHE A 1 10 ? 3.924  -9.770  -5.264 1.00 10.56 ? 10  PHE A CD1  1 
ATOM   158 C CD2  . PHE A 1 10 ? 4.462  -11.568 -6.639 1.00 10.26 ? 10  PHE A CD2  1 
ATOM   159 C CE1  . PHE A 1 10 ? 4.534  -8.862  -6.093 1.00 11.68 ? 10  PHE A CE1  1 
ATOM   160 C CE2  . PHE A 1 10 ? 5.123  -10.664 -7.562 1.00 10.08 ? 10  PHE A CE2  1 
ATOM   161 C CZ   . PHE A 1 10 ? 5.121  -9.370  -7.253 1.00 9.30  ? 10  PHE A CZ   1 
ATOM   162 O OXT  . PHE A 1 10 ? 4.878  -14.585 -4.482 1.00 13.43 ? 10  PHE A OXT  1 
ATOM   163 H H    . PHE A 1 10 ? 5.446  -11.160 -2.799 1.00 9.22  ? 10  PHE A H    1 
ATOM   164 H HA   . PHE A 1 10 ? 3.600  -13.164 -2.872 1.00 8.93  ? 10  PHE A HA   1 
ATOM   165 H HB2  . PHE A 1 10 ? 2.887  -12.770 -5.097 1.00 10.47 ? 10  PHE A HB2  1 
ATOM   166 H HB3  . PHE A 1 10 ? 2.503  -11.583 -4.158 1.00 10.47 ? 10  PHE A HB3  1 
ATOM   167 H HD1  . PHE A 1 10 ? 3.539  -9.464  -4.474 1.00 12.68 ? 10  PHE A HD1  1 
ATOM   168 H HD2  . PHE A 1 10 ? 4.458  -12.482 -6.804 1.00 12.31 ? 10  PHE A HD2  1 
ATOM   169 H HE1  . PHE A 1 10 ? 4.554  -7.954  -5.892 1.00 14.01 ? 10  PHE A HE1  1 
ATOM   170 H HE2  . PHE A 1 10 ? 5.530  -10.976 -8.339 1.00 12.10 ? 10  PHE A HE2  1 
ATOM   171 H HZ   . PHE A 1 10 ? 5.531  -8.775  -7.838 1.00 11.16 ? 10  PHE A HZ   1 
ATOM   172 H HXT  . PHE A 1 10 ? 5.545  -15.035 -4.644 1.00 20.15 ? 10  PHE A HXT  1 
HETATM 173 O O    . HOH B 2 .  ? 1.881  3.362   -2.292 1.00 38.92 ? 101 HOH A O    1 
HETATM 174 O O    . HOH B 2 .  ? -1.331 -8.087  -8.693 1.00 18.89 ? 102 HOH A O    1 
HETATM 175 O O    . HOH B 2 .  ? 5.696  -17.149 -4.268 1.00 13.64 ? 103 HOH A O    1 
HETATM 176 O O    . HOH B 2 .  ? 3.996  -4.588  5.914  1.00 32.87 ? 104 HOH A O    1 
HETATM 177 O O    . HOH B 2 .  ? -2.690 -2.525  -3.491 1.00 9.61  ? 105 HOH A O    1 
HETATM 178 O O    . HOH B 2 .  ? -0.657 9.529   -4.435 1.00 23.61 ? 106 HOH A O    1 
HETATM 179 O O    . HOH B 2 .  ? 12.586 -9.635  1.268  1.00 44.70 ? 107 HOH A O    1 
HETATM 180 O O    . HOH B 2 .  ? -9.603 14.322  1.445  1.00 41.42 ? 108 HOH A O    1 
# 
loop_
_atom_site_anisotrop.id 
_atom_site_anisotrop.type_symbol 
_atom_site_anisotrop.pdbx_label_atom_id 
_atom_site_anisotrop.pdbx_label_alt_id 
_atom_site_anisotrop.pdbx_label_comp_id 
_atom_site_anisotrop.pdbx_label_asym_id 
_atom_site_anisotrop.pdbx_label_seq_id 
_atom_site_anisotrop.pdbx_PDB_ins_code 
_atom_site_anisotrop.U[1][1] 
_atom_site_anisotrop.U[2][2] 
_atom_site_anisotrop.U[3][3] 
_atom_site_anisotrop.U[1][2] 
_atom_site_anisotrop.U[1][3] 
_atom_site_anisotrop.U[2][3] 
_atom_site_anisotrop.pdbx_auth_seq_id 
_atom_site_anisotrop.pdbx_auth_comp_id 
_atom_site_anisotrop.pdbx_auth_asym_id 
_atom_site_anisotrop.pdbx_auth_atom_id 
1   N N   . TRP A 1  ? 0.2473 0.1300 0.2940 0.0870  0.1008  -0.0055 1   TRP A N   
2   C CA  . TRP A 1  ? 0.1337 0.1114 0.1852 0.0242  0.0251  0.0933  1   TRP A CA  
3   C C   . TRP A 1  ? 0.1560 0.1190 0.1930 0.0749  0.0196  -0.0473 1   TRP A C   
4   O O   . TRP A 1  ? 0.2188 0.1363 0.3045 -0.0324 0.1118  -0.0941 1   TRP A O   
5   C CB  . TRP A 1  ? 0.2447 0.0876 0.0955 0.0653  0.0245  0.0012  1   TRP A CB  
6   C CG  . TRP A 1  ? 0.1491 0.1114 0.1219 0.0101  0.0147  -0.0173 1   TRP A CG  
7   C CD1 . TRP A 1  ? 0.1125 0.1207 0.1975 0.0000  0.0049  -0.0588 1   TRP A CD1 
8   C CD2 . TRP A 1  ? 0.1514 0.0652 0.1253 0.0136  -0.0146 0.0167  1   TRP A CD2 
9   N NE1 . TRP A 1  ? 0.0943 0.1039 0.2196 -0.0089 0.0612  -0.0277 1   TRP A NE1 
10  C CE2 . TRP A 1  ? 0.1103 0.0700 0.1525 0.0262  0.0060  0.0740  1   TRP A CE2 
11  C CE3 . TRP A 1  ? 0.1748 0.0931 0.1602 0.0628  -0.0274 -0.0029 1   TRP A CE3 
12  C CZ2 . TRP A 1  ? 0.0948 0.0787 0.1492 0.0060  0.0083  0.0760  1   TRP A CZ2 
13  C CZ3 . TRP A 1  ? 0.1970 0.1109 0.1471 0.0450  0.0082  0.0565  1   TRP A CZ3 
14  C CH2 . TRP A 1  ? 0.1274 0.0404 0.2511 0.0255  -0.0524 0.0072  1   TRP A CH2 
26  N N   . ASN A 2  ? 0.1779 0.1730 0.1339 0.0161  0.0793  -0.0467 2   ASN A N   
27  C CA  . ASN A 2  ? 0.5088 0.0717 0.1202 0.0939  0.0225  0.0244  2   ASN A CA  
28  C C   . ASN A 2  ? 0.1516 0.1009 0.1299 0.0567  0.0504  -0.0412 2   ASN A C   
29  O O   . ASN A 2  ? 0.2508 0.1818 0.1577 0.0949  0.0809  -0.0512 2   ASN A O   
30  C CB  . ASN A 2  ? 0.1773 0.2654 0.4600 -0.0251 0.1667  0.0246  2   ASN A CB  
31  C CG  . ASN A 2  ? 0.1780 0.2681 0.4604 -0.0266 0.1654  0.0254  2   ASN A CG  
32  O OD1 . ASN A 2  ? 0.1789 0.2678 0.4623 -0.0271 0.1628  0.0249  2   ASN A OD1 
33  N ND2 . ASN A 2  ? 0.1806 0.2776 0.4608 -0.0298 0.1626  0.0285  2   ASN A ND2 
40  N N   . SER A 3  ? 0.1427 0.0931 0.1298 -0.0004 0.0623  -0.0175 3   SER A N   
41  C CA  . SER A 3  ? 0.2020 0.0836 0.1285 0.0352  0.0315  -0.0022 3   SER A CA  
42  C C   . SER A 3  ? 0.1302 0.0965 0.1414 0.0548  0.0332  0.0065  3   SER A C   
43  O O   . SER A 3  ? 0.1771 0.1443 0.1684 0.0688  0.0122  -0.0614 3   SER A O   
44  C CB  . SER A 3  ? 0.1266 0.1510 0.2386 -0.0332 0.0929  -0.0870 3   SER A CB  
45  O OG  . SER A 3  ? 0.2028 0.1748 0.2943 0.0130  0.0275  -0.0666 3   SER A OG  
51  N N   . ASN A 4  ? 0.1044 0.0884 0.1577 0.0163  0.0371  -0.0287 4   ASN A N   
52  C CA  . ASN A 4  ? 0.1511 0.1259 0.2467 0.0482  0.0758  0.0599  4   ASN A CA  
53  C C   . ASN A 4  ? 0.1648 0.1127 0.2423 0.0901  0.1197  0.0787  4   ASN A C   
54  O O   . ASN A 4  ? 0.3483 0.3555 0.6244 0.2724  0.4076  0.3489  4   ASN A O   
55  C CB  . ASN A 4  ? 0.1109 0.1501 0.2310 0.0077  0.0707  0.0664  4   ASN A CB  
56  C CG  . ASN A 4  ? 0.1299 0.1451 0.3010 -0.0234 0.0245  0.0120  4   ASN A CG  
57  O OD1 . ASN A 4  ? 0.2169 0.1598 0.1893 0.0721  -0.0417 -0.0304 4   ASN A OD1 
58  N ND2 . ASN A 4  ? 0.2051 0.4547 1.2533 -0.2353 0.0564  0.3202  4   ASN A ND2 
64  N N   . VAL A 5  ? 0.0778 0.0698 0.1215 0.0000  0.0253  -0.0096 5   VAL A N   
65  C CA  . VAL A 5  ? 0.0605 0.0728 0.1300 0.0021  0.0219  -0.0020 5   VAL A CA  
66  C C   . VAL A 5  ? 0.0735 0.0396 0.1232 -0.0072 0.0322  -0.0134 5   VAL A C   
67  O O   . VAL A 5  ? 0.0634 0.0544 0.1562 -0.0345 0.0574  -0.0303 5   VAL A O   
68  C CB  . VAL A 5  ? 0.0614 0.0796 0.1439 0.0053  0.0065  -0.0154 5   VAL A CB  
69  C CG1 . VAL A 5  ? 0.0840 0.0724 0.2580 0.0010  0.0219  -0.0181 5   VAL A CG1 
70  C CG2 . VAL A 5  ? 0.1009 0.1006 0.1399 -0.0025 0.0186  -0.0401 5   VAL A CG2 
80  N N   . HIS A 6  ? 0.0595 0.0556 0.1551 -0.0119 0.0407  -0.0176 6   HIS A N   
81  C CA  . HIS A 6  ? 0.0544 0.0392 0.1724 -0.0359 0.0534  -0.0438 6   HIS A CA  
82  C C   . HIS A 6  ? 0.0866 0.0346 0.1013 0.0061  0.0153  -0.0155 6   HIS A C   
83  O O   . HIS A 6  ? 0.0493 0.0578 0.1473 -0.0222 0.0314  -0.0136 6   HIS A O   
84  C CB  . HIS A 6  ? 0.0911 0.0598 0.1338 0.0006  0.0117  -0.0173 6   HIS A CB  
85  C CG  . HIS A 6  ? 0.0860 0.0416 0.1518 -0.0150 0.0303  -0.0302 6   HIS A CG  
86  N ND1 . HIS A 6  ? 0.0696 0.0743 0.1551 -0.0108 0.0093  -0.0196 6   HIS A ND1 
87  C CD2 . HIS A 6  ? 0.0378 0.0671 0.1380 -0.0172 0.0144  -0.0119 6   HIS A CD2 
88  C CE1 . HIS A 6  ? 0.0813 0.0482 0.1461 -0.0212 0.0354  -0.0438 6   HIS A CE1 
89  N NE2 . HIS A 6  ? 0.0457 0.0827 0.1610 -0.0213 0.0637  -0.0277 6   HIS A NE2 
96  N N   . SER A 7  ? 0.0534 0.0387 0.1626 -0.0087 0.0354  -0.0204 7   SER A N   
97  C CA  . SER A 7  ? 0.0769 0.0517 0.1129 -0.0119 0.0348  -0.0131 7   SER A CA  
98  C C   . SER A 7  ? 0.0419 0.0476 0.1087 -0.0129 0.0384  0.0114  7   SER A C   
99  O O   . SER A 7  ? 0.0848 0.0410 0.1178 0.0024  0.0235  -0.0204 7   SER A O   
100 C CB  . SER A 7  ? 0.0754 0.0865 0.1556 -0.0189 0.0346  -0.0367 7   SER A CB  
101 O OG  . SER A 7  ? 0.1356 0.1030 0.1368 0.0102  -0.0180 -0.0170 7   SER A OG  
107 N N   . TYR A 8  ? 0.0414 0.0589 0.1182 -0.0143 0.0487  -0.0049 8   TYR A N   
108 C CA  . TYR A 8  ? 0.0289 0.0363 0.1523 -0.0064 0.0333  0.0023  8   TYR A CA  
109 C C   . TYR A 8  ? 0.0608 0.0336 0.1140 -0.0080 0.0256  0.0022  8   TYR A C   
110 O O   . TYR A 8  ? 0.0379 0.0652 0.1581 -0.0263 0.0608  -0.0202 8   TYR A O   
111 C CB  . TYR A 8  ? 0.0405 0.0554 0.1046 0.0115  0.0169  0.0172  8   TYR A CB  
112 C CG  . TYR A 8  ? 0.0893 0.0611 0.1205 -0.0052 0.0324  -0.0479 8   TYR A CG  
113 C CD1 . TYR A 8  ? 0.0892 0.0767 0.1746 -0.0206 0.0244  -0.0417 8   TYR A CD1 
114 C CD2 . TYR A 8  ? 0.1084 0.0846 0.1302 0.0085  0.0279  -0.0707 8   TYR A CD2 
115 C CE1 . TYR A 8  ? 0.1098 0.0733 0.1726 -0.0560 0.0355  -0.0457 8   TYR A CE1 
116 C CE2 . TYR A 8  ? 0.1180 0.1178 0.1122 0.0278  0.0126  -0.0237 8   TYR A CE2 
117 C CZ  . TYR A 8  ? 0.1524 0.1095 0.1491 -0.0124 0.0233  -0.0310 8   TYR A CZ  
118 O OH  . TYR A 8  ? 0.1758 0.1448 0.1973 -0.0528 0.0284  -0.0913 8   TYR A OH  
127 N N   . ARG A 9  ? 0.0603 0.0774 0.1110 0.0166  0.0386  -0.0248 9   ARG A N   
128 C CA  . ARG A 9  ? 0.0508 0.0663 0.1363 -0.0199 0.0327  -0.0005 9   ARG A CA  
129 C C   . ARG A 9  ? 0.0394 0.0633 0.1124 0.0076  0.0285  -0.0126 9   ARG A C   
130 O O   . ARG A 9  ? 0.0830 0.0522 0.1347 -0.0136 0.0573  -0.0209 9   ARG A O   
131 C CB  . ARG A 9  ? 0.1008 0.0644 0.1235 0.0014  0.0166  -0.0162 9   ARG A CB  
132 C CG  . ARG A 9  ? 0.1118 0.0789 0.1424 0.0216  -0.0184 0.0016  9   ARG A CG  
133 C CD  . ARG A 9  ? 0.1163 0.1343 0.1129 0.0654  0.0326  0.0550  9   ARG A CD  
134 N NE  . ARG A 9  ? 0.0877 0.1168 0.1956 -0.0466 0.0202  -0.0029 9   ARG A NE  
135 C CZ  . ARG A 9  ? 0.1159 0.0855 0.1013 0.0223  0.0155  -0.0083 9   ARG A CZ  
136 N NH1 . ARG A 9  ? 0.1181 0.1024 0.1990 -0.0093 0.0213  -0.0552 9   ARG A NH1 
137 N NH2 . ARG A 9  ? 0.1549 0.1046 0.1803 -0.0503 0.0514  -0.0393 9   ARG A NH2 
151 N N   . PHE A 10 ? 0.0581 0.0885 0.1280 -0.0268 0.0404  -0.0316 10  PHE A N   
152 C CA  . PHE A 10 ? 0.0655 0.0850 0.1155 -0.0356 0.0429  -0.0348 10  PHE A CA  
153 C C   . PHE A 10 ? 0.1025 0.0852 0.1177 0.0031  0.0076  -0.0367 10  PHE A C   
154 O O   . PHE A 10 ? 0.1135 0.0932 0.1784 -0.0220 0.0342  -0.0207 10  PHE A O   
155 C CB  . PHE A 10 ? 0.1016 0.1048 0.1054 -0.0242 0.0256  -0.0273 10  PHE A CB  
156 C CG  . PHE A 10 ? 0.0695 0.1350 0.1341 -0.0228 0.0607  -0.0959 10  PHE A CG  
157 C CD1 . PHE A 10 ? 0.1114 0.0903 0.1758 0.0018  0.0903  -0.0361 10  PHE A CD1 
158 C CD2 . PHE A 10 ? 0.1424 0.0839 0.1403 -0.0335 0.0146  -0.0469 10  PHE A CD2 
159 C CE1 . PHE A 10 ? 0.1833 0.0927 0.1412 -0.0365 0.0588  -0.0265 10  PHE A CE1 
160 C CE2 . PHE A 10 ? 0.0985 0.1457 0.1161 0.0004  0.0385  -0.0111 10  PHE A CE2 
161 C CZ  . PHE A 10 ? 0.0908 0.0845 0.1569 -0.0270 0.0151  0.0036  10  PHE A CZ  
162 O OXT . PHE A 10 ? 0.1353 0.1147 0.2299 0.0051  0.0507  -0.0754 10  PHE A OXT 
173 O O   . HOH B .  ? 0.3296 0.5923 0.4686 -0.1610 0.2316  -0.0470 101 HOH A O   
174 O O   . HOH B .  ? 0.1593 0.1890 0.3268 0.0189  -0.0236 -0.0903 102 HOH A O   
175 O O   . HOH B .  ? 0.1051 0.1640 0.2184 -0.0549 0.0410  -0.0543 103 HOH A O   
176 O O   . HOH B .  ? 0.4112 0.4994 0.2640 -0.1375 -0.1215 0.0067  104 HOH A O   
177 O O   . HOH B .  ? 0.1151 0.1011 0.1271 -0.0142 0.0174  -0.0045 105 HOH A O   
178 O O   . HOH B .  ? 0.3574 0.3522 0.1341 0.1893  0.1143  0.0633  106 HOH A O   
179 O O   . HOH B .  ? 0.3180 0.8832 0.3958 -0.2935 0.2866  -0.3167 107 HOH A O   
180 O O   . HOH B .  ? 0.5050 0.2647 0.7104 0.2326  -0.4218 -0.1810 108 HOH A O   
# 
